data_4RIQ
#
_entry.id   4RIQ
#
_cell.length_a   56.270
_cell.length_b   56.270
_cell.length_c   95.090
_cell.angle_alpha   90.08
_cell.angle_beta   89.90
_cell.angle_gamma   115.39
#
_symmetry.space_group_name_H-M   'P 1'
#
loop_
_entity.id
_entity.type
_entity.pdbx_description
1 polymer 'Protein dpy-30 homolog'
2 polymer 'Set1/Ash2 histone methyltransferase complex subunit ASH2'
3 non-polymer 'SULFATE ION'
4 water water
#
loop_
_entity_poly.entity_id
_entity_poly.type
_entity_poly.pdbx_seq_one_letter_code
_entity_poly.pdbx_strand_id
1 'polypeptide(L)' GKVDLQSLPTRAYLDQTVVPILLQGLAVLAKERPPNPIEFLASYLLKNKAQFEDRN A,B,D,E,G,H,J,K,M,N,P,Q,S,T,V,Z
2 'polypeptide(L)' GAMGSVEHTLADVLYHVETEVENLYFQ C,F,I,L,O,R,U,X
#
loop_
_chem_comp.id
_chem_comp.type
_chem_comp.name
_chem_comp.formula
SO4 non-polymer 'SULFATE ION' 'O4 S -2'
#
# COMPACT_ATOMS: atom_id res chain seq x y z
N LEU A 5 24.01 1.88 38.22
CA LEU A 5 23.14 0.87 37.63
C LEU A 5 22.30 0.22 38.73
N GLN A 6 22.93 -0.69 39.48
CA GLN A 6 22.38 -1.28 40.70
C GLN A 6 21.37 -0.38 41.44
N SER A 7 21.68 0.91 41.52
CA SER A 7 20.89 1.87 42.30
C SER A 7 19.82 2.65 41.55
N LEU A 8 19.64 2.38 40.26
CA LEU A 8 18.61 3.03 39.47
C LEU A 8 17.19 2.53 39.78
N PRO A 9 16.19 3.40 39.60
CA PRO A 9 14.78 2.97 39.61
C PRO A 9 14.53 1.96 38.47
N THR A 10 13.49 1.13 38.61
CA THR A 10 13.23 0.05 37.66
C THR A 10 13.28 0.49 36.19
N ARG A 11 12.51 1.53 35.88
CA ARG A 11 12.44 2.00 34.50
C ARG A 11 13.78 2.50 33.96
N ALA A 12 14.49 3.30 34.75
CA ALA A 12 15.76 3.85 34.28
C ALA A 12 16.74 2.72 34.02
N TYR A 13 16.72 1.70 34.88
CA TYR A 13 17.57 0.53 34.70
C TYR A 13 17.26 -0.16 33.38
N LEU A 14 15.98 -0.44 33.15
CA LEU A 14 15.58 -1.12 31.92
C LEU A 14 15.93 -0.27 30.69
N ASP A 15 15.86 1.06 30.83
CA ASP A 15 16.19 1.98 29.76
C ASP A 15 17.67 2.01 29.46
N GLN A 16 18.48 1.79 30.49
CA GLN A 16 19.92 1.84 30.34
C GLN A 16 20.50 0.48 29.95
N THR A 17 19.69 -0.56 30.05
CA THR A 17 20.19 -1.89 29.73
C THR A 17 19.62 -2.53 28.47
N VAL A 18 18.32 -2.76 28.44
CA VAL A 18 17.72 -3.60 27.41
C VAL A 18 16.70 -2.93 26.50
N VAL A 19 16.22 -1.75 26.84
CA VAL A 19 15.16 -1.11 26.06
C VAL A 19 15.52 -0.82 24.58
N PRO A 20 16.71 -0.24 24.30
CA PRO A 20 16.99 0.05 22.89
C PRO A 20 17.03 -1.19 21.99
N ILE A 21 17.74 -2.20 22.46
CA ILE A 21 17.90 -3.41 21.67
C ILE A 21 16.56 -4.13 21.57
N LEU A 22 15.71 -3.99 22.59
CA LEU A 22 14.37 -4.55 22.54
C LEU A 22 13.52 -3.82 21.51
N LEU A 23 13.69 -2.50 21.41
CA LEU A 23 13.00 -1.72 20.40
C LEU A 23 13.37 -2.23 19.00
N GLN A 24 14.67 -2.40 18.76
CA GLN A 24 15.12 -2.80 17.43
C GLN A 24 14.67 -4.24 17.13
N GLY A 25 14.71 -5.06 18.17
CA GLY A 25 14.32 -6.46 18.08
C GLY A 25 12.85 -6.62 17.76
N LEU A 26 12.00 -5.93 18.51
CA LEU A 26 10.57 -5.98 18.29
C LEU A 26 10.20 -5.38 16.92
N ALA A 27 10.97 -4.39 16.48
CA ALA A 27 10.76 -3.82 15.15
C ALA A 27 10.99 -4.85 14.05
N VAL A 28 12.14 -5.50 14.10
CA VAL A 28 12.48 -6.53 13.11
C VAL A 28 11.52 -7.72 13.21
N LEU A 29 11.21 -8.14 14.43
CA LEU A 29 10.27 -9.23 14.69
C LEU A 29 8.89 -8.95 14.09
N ALA A 30 8.38 -7.75 14.35
CA ALA A 30 7.08 -7.32 13.82
C ALA A 30 7.10 -7.24 12.30
N LYS A 31 8.25 -6.87 11.75
CA LYS A 31 8.37 -6.77 10.28
C LYS A 31 8.41 -8.14 9.60
N GLU A 32 9.24 -9.04 10.13
CA GLU A 32 9.48 -10.34 9.50
C GLU A 32 8.43 -11.38 9.85
N ARG A 33 8.03 -11.40 11.13
CA ARG A 33 7.07 -12.37 11.66
C ARG A 33 7.40 -13.83 11.37
N PRO A 34 8.47 -14.33 11.99
CA PRO A 34 8.92 -15.72 11.82
C PRO A 34 8.01 -16.68 12.59
N PRO A 35 8.03 -18.00 12.27
CA PRO A 35 7.25 -19.06 12.96
C PRO A 35 7.78 -19.12 14.40
N ASN A 36 8.98 -18.55 14.39
CA ASN A 36 10.04 -18.39 15.40
C ASN A 36 10.02 -17.21 16.41
N PRO A 37 8.84 -16.65 16.73
CA PRO A 37 8.99 -15.31 17.35
C PRO A 37 9.86 -15.18 18.61
N ILE A 38 9.70 -16.04 19.61
CA ILE A 38 10.46 -15.89 20.86
C ILE A 38 11.93 -16.24 20.66
N GLU A 39 12.16 -17.35 19.97
CA GLU A 39 13.51 -17.82 19.68
C GLU A 39 14.22 -16.79 18.82
N PHE A 40 13.49 -16.24 17.84
CA PHE A 40 14.06 -15.19 17.00
C PHE A 40 14.46 -13.96 17.79
N LEU A 41 13.63 -13.54 18.74
CA LEU A 41 13.97 -12.36 19.52
C LEU A 41 15.20 -12.60 20.37
N ALA A 42 15.25 -13.76 21.04
CA ALA A 42 16.43 -14.09 21.85
C ALA A 42 17.71 -14.14 20.99
N SER A 43 17.60 -14.72 19.81
CA SER A 43 18.73 -14.82 18.89
C SER A 43 19.16 -13.46 18.35
N TYR A 44 18.18 -12.58 18.13
CA TYR A 44 18.45 -11.21 17.72
C TYR A 44 19.25 -10.49 18.80
N LEU A 45 18.77 -10.66 20.04
CA LEU A 45 19.40 -10.05 21.21
C LEU A 45 20.86 -10.46 21.29
N LEU A 46 21.08 -11.76 21.10
CA LEU A 46 22.43 -12.30 21.20
C LEU A 46 23.34 -11.86 20.06
N LYS A 47 22.80 -11.83 18.84
CA LYS A 47 23.59 -11.51 17.65
C LYS A 47 23.87 -10.01 17.50
N ASN A 48 23.10 -9.17 18.17
CA ASN A 48 23.34 -7.72 18.08
C ASN A 48 23.76 -7.08 19.40
N LYS A 49 23.89 -7.92 20.43
CA LYS A 49 24.29 -7.47 21.76
C LYS A 49 25.51 -6.53 21.78
N ALA A 50 26.53 -6.82 20.96
CA ALA A 50 27.79 -6.09 21.01
C ALA A 50 27.66 -4.59 20.70
N GLN A 51 26.72 -4.24 19.83
CA GLN A 51 26.52 -2.85 19.43
C GLN A 51 25.66 -2.07 20.44
N PHE A 52 25.18 -2.76 21.48
CA PHE A 52 24.25 -2.18 22.44
C PHE A 52 24.75 -2.18 23.88
N GLU A 53 26.03 -2.52 24.07
CA GLU A 53 26.60 -2.61 25.41
C GLU A 53 28.11 -2.47 25.36
N GLN B 6 0.38 -13.39 12.26
CA GLN B 6 -0.67 -13.58 11.25
C GLN B 6 -0.83 -12.36 10.33
N SER B 7 -2.09 -11.96 10.18
CA SER B 7 -2.51 -10.82 9.38
C SER B 7 -2.75 -9.67 10.33
N LEU B 8 -2.36 -9.88 11.59
CA LEU B 8 -2.59 -8.96 12.68
C LEU B 8 -1.83 -7.65 12.58
N PRO B 9 -2.42 -6.59 13.15
CA PRO B 9 -1.70 -5.33 13.36
C PRO B 9 -0.49 -5.56 14.28
N THR B 10 0.52 -4.71 14.16
CA THR B 10 1.77 -4.87 14.90
C THR B 10 1.59 -5.12 16.39
N ARG B 11 0.82 -4.26 17.04
CA ARG B 11 0.62 -4.34 18.48
C ARG B 11 -0.03 -5.67 18.86
N ALA B 12 -1.07 -6.07 18.13
CA ALA B 12 -1.77 -7.33 18.41
C ALA B 12 -0.85 -8.53 18.18
N TYR B 13 -0.03 -8.46 17.13
CA TYR B 13 0.92 -9.52 16.84
C TYR B 13 1.91 -9.71 17.99
N LEU B 14 2.55 -8.62 18.41
CA LEU B 14 3.53 -8.66 19.48
C LEU B 14 2.88 -9.08 20.81
N ASP B 15 1.61 -8.69 20.99
CA ASP B 15 0.86 -9.02 22.19
C ASP B 15 0.53 -10.51 22.25
N GLN B 16 0.35 -11.10 21.09
CA GLN B 16 0.03 -12.52 20.99
C GLN B 16 1.27 -13.40 20.92
N THR B 17 2.43 -12.79 20.65
CA THR B 17 3.64 -13.60 20.50
C THR B 17 4.62 -13.46 21.66
N VAL B 18 5.10 -12.24 21.91
CA VAL B 18 6.23 -12.08 22.82
C VAL B 18 5.97 -11.24 24.07
N VAL B 19 4.84 -10.53 24.12
CA VAL B 19 4.59 -9.65 25.25
C VAL B 19 4.52 -10.33 26.63
N PRO B 20 3.77 -11.45 26.77
CA PRO B 20 3.71 -12.04 28.13
C PRO B 20 5.08 -12.49 28.68
N ILE B 21 5.84 -13.17 27.84
CA ILE B 21 7.14 -13.69 28.25
C ILE B 21 8.09 -12.51 28.49
N LEU B 22 7.88 -11.41 27.78
CA LEU B 22 8.66 -10.20 28.02
C LEU B 22 8.30 -9.56 29.36
N LEU B 23 7.02 -9.61 29.72
CA LEU B 23 6.56 -9.10 30.99
C LEU B 23 7.28 -9.81 32.13
N GLN B 24 7.24 -11.14 32.06
CA GLN B 24 7.83 -11.93 33.14
C GLN B 24 9.35 -11.80 33.13
N GLY B 25 9.90 -11.76 31.92
CA GLY B 25 11.34 -11.64 31.75
C GLY B 25 11.95 -10.36 32.25
N LEU B 26 11.39 -9.22 31.84
CA LEU B 26 11.86 -7.92 32.31
C LEU B 26 11.58 -7.72 33.79
N ALA B 27 10.50 -8.33 34.30
CA ALA B 27 10.25 -8.26 35.73
C ALA B 27 11.39 -8.95 36.48
N VAL B 28 11.73 -10.16 36.04
CA VAL B 28 12.82 -10.91 36.66
C VAL B 28 14.15 -10.17 36.52
N LEU B 29 14.38 -9.59 35.34
CA LEU B 29 15.58 -8.80 35.08
C LEU B 29 15.71 -7.66 36.07
N ALA B 30 14.62 -6.91 36.24
CA ALA B 30 14.60 -5.78 37.17
C ALA B 30 14.84 -6.25 38.60
N LYS B 31 14.36 -7.44 38.94
CA LYS B 31 14.55 -7.96 40.29
C LYS B 31 16.01 -8.36 40.55
N GLU B 32 16.59 -9.12 39.62
CA GLU B 32 17.94 -9.66 39.80
C GLU B 32 19.06 -8.67 39.43
N ARG B 33 18.87 -7.96 38.32
CA ARG B 33 19.88 -7.02 37.80
C ARG B 33 21.27 -7.62 37.70
N PRO B 34 21.43 -8.59 36.79
CA PRO B 34 22.69 -9.32 36.58
C PRO B 34 23.70 -8.48 35.80
N PRO B 35 24.99 -8.85 35.82
CA PRO B 35 26.01 -8.13 35.06
C PRO B 35 25.76 -8.23 33.56
N ASN B 36 24.92 -9.18 33.20
CA ASN B 36 24.64 -9.46 31.81
C ASN B 36 23.18 -9.29 31.43
N PRO B 37 22.71 -8.04 31.39
CA PRO B 37 21.27 -7.82 31.23
C PRO B 37 20.69 -8.41 29.95
N ILE B 38 21.39 -8.16 28.84
CA ILE B 38 20.92 -8.59 27.54
C ILE B 38 20.99 -10.11 27.38
N GLU B 39 22.13 -10.67 27.75
CA GLU B 39 22.33 -12.12 27.73
C GLU B 39 21.37 -12.83 28.67
N PHE B 40 21.16 -12.26 29.86
CA PHE B 40 20.23 -12.80 30.83
C PHE B 40 18.81 -12.82 30.26
N LEU B 41 18.43 -11.75 29.58
CA LEU B 41 17.10 -11.67 28.99
C LEU B 41 16.93 -12.69 27.88
N ALA B 42 17.91 -12.77 26.99
CA ALA B 42 17.85 -13.73 25.88
C ALA B 42 17.72 -15.15 26.42
N SER B 43 18.49 -15.44 27.46
CA SER B 43 18.47 -16.75 28.09
C SER B 43 17.12 -17.00 28.74
N TYR B 44 16.52 -15.97 29.33
CA TYR B 44 15.20 -16.13 29.92
C TYR B 44 14.19 -16.50 28.85
N LEU B 45 14.20 -15.79 27.73
CA LEU B 45 13.28 -16.11 26.62
C LEU B 45 13.47 -17.53 26.12
N LEU B 46 14.72 -17.96 25.95
CA LEU B 46 14.94 -19.32 25.44
C LEU B 46 14.55 -20.41 26.43
N LYS B 47 14.84 -20.20 27.71
CA LYS B 47 14.57 -21.20 28.74
C LYS B 47 13.10 -21.31 29.11
N ASN B 48 12.31 -20.27 28.79
CA ASN B 48 10.89 -20.23 29.14
C ASN B 48 10.01 -20.18 27.89
N LYS B 49 10.64 -20.30 26.74
CA LYS B 49 9.97 -20.33 25.44
C LYS B 49 8.78 -21.30 25.44
N ALA B 50 8.99 -22.47 26.04
CA ALA B 50 8.03 -23.56 26.04
C ALA B 50 6.70 -23.25 26.72
N GLN B 51 6.72 -22.39 27.75
CA GLN B 51 5.52 -22.09 28.50
C GLN B 51 4.65 -21.06 27.77
N PHE B 52 5.17 -20.53 26.66
CA PHE B 52 4.47 -19.47 25.94
C PHE B 52 4.23 -19.85 24.48
N ALA C 2 5.71 1.11 11.12
CA ALA C 2 5.04 1.76 12.25
C ALA C 2 5.83 1.57 13.53
N MET C 3 6.92 2.33 13.68
CA MET C 3 7.75 2.27 14.87
C MET C 3 6.95 2.60 16.13
N GLY C 4 5.92 3.43 15.95
CA GLY C 4 5.07 3.87 17.02
C GLY C 4 4.37 2.72 17.75
N SER C 5 3.92 1.74 16.98
CA SER C 5 3.23 0.58 17.56
C SER C 5 4.17 -0.25 18.42
N VAL C 6 5.40 -0.42 17.93
CA VAL C 6 6.41 -1.15 18.66
C VAL C 6 6.75 -0.44 19.97
N GLU C 7 6.89 0.87 19.87
CA GLU C 7 7.21 1.69 21.03
C GLU C 7 6.07 1.67 22.05
N HIS C 8 4.83 1.67 21.58
CA HIS C 8 3.67 1.57 22.47
C HIS C 8 3.62 0.22 23.17
N THR C 9 3.92 -0.83 22.43
CA THR C 9 3.98 -2.16 22.98
C THR C 9 5.00 -2.22 24.12
N LEU C 10 6.22 -1.74 23.82
CA LEU C 10 7.26 -1.76 24.84
C LEU C 10 6.88 -0.90 26.03
N ALA C 11 6.17 0.20 25.78
CA ALA C 11 5.67 1.04 26.88
C ALA C 11 4.69 0.29 27.77
N ASP C 12 3.80 -0.50 27.17
CA ASP C 12 2.90 -1.34 27.95
C ASP C 12 3.70 -2.29 28.84
N VAL C 13 4.70 -2.92 28.24
CA VAL C 13 5.51 -3.87 28.99
C VAL C 13 6.22 -3.19 30.17
N LEU C 14 6.90 -2.09 29.89
CA LEU C 14 7.63 -1.32 30.91
C LEU C 14 6.71 -0.83 32.01
N TYR C 15 5.52 -0.35 31.62
CA TYR C 15 4.54 0.08 32.59
C TYR C 15 4.17 -1.08 33.53
N HIS C 16 3.84 -2.24 32.98
CA HIS C 16 3.43 -3.34 33.84
CA HIS C 16 3.45 -3.38 33.81
C HIS C 16 4.58 -3.81 34.75
N VAL C 17 5.81 -3.83 34.24
CA VAL C 17 6.96 -4.21 35.07
C VAL C 17 7.19 -3.22 36.20
N GLU C 18 7.10 -1.94 35.87
CA GLU C 18 7.34 -0.86 36.83
C GLU C 18 6.25 -0.75 37.89
N THR C 19 5.05 -1.24 37.56
CA THR C 19 3.92 -1.14 38.48
C THR C 19 3.63 -2.43 39.23
N GLU C 20 4.54 -3.38 39.14
CA GLU C 20 4.49 -4.60 39.95
C GLU C 20 4.40 -4.23 41.42
N VAL C 21 3.60 -4.99 42.18
CA VAL C 21 3.40 -4.68 43.60
C VAL C 21 4.74 -4.71 44.35
N GLU C 22 5.61 -5.63 43.95
CA GLU C 22 6.92 -5.77 44.58
C GLU C 22 7.82 -4.57 44.32
N ASN C 23 7.53 -3.83 43.25
CA ASN C 23 8.32 -2.67 42.87
C ASN C 23 7.82 -1.37 43.48
N LEU C 24 6.54 -1.32 43.81
CA LEU C 24 5.91 -0.12 44.35
C LEU C 24 5.90 -0.03 45.88
N TYR C 25 5.65 -1.17 46.54
CA TYR C 25 5.44 -1.17 47.99
C TYR C 25 6.61 -1.82 48.74
N VAL D 3 9.54 9.02 -8.58
CA VAL D 3 10.88 8.47 -8.50
C VAL D 3 11.10 7.61 -7.25
N ASP D 4 11.53 6.37 -7.47
CA ASP D 4 11.85 5.49 -6.36
C ASP D 4 13.25 5.92 -5.93
N LEU D 5 13.68 5.43 -4.78
CA LEU D 5 14.99 5.75 -4.20
C LEU D 5 16.04 5.62 -5.28
N GLN D 6 16.30 4.38 -5.64
CA GLN D 6 17.16 3.96 -6.74
C GLN D 6 17.37 4.99 -7.86
N SER D 7 16.30 5.65 -8.29
CA SER D 7 16.38 6.59 -9.41
C SER D 7 16.49 8.07 -8.99
N LEU D 8 16.58 8.31 -7.68
CA LEU D 8 16.75 9.67 -7.19
C LEU D 8 18.16 10.19 -7.46
N PRO D 9 18.29 11.52 -7.62
CA PRO D 9 19.62 12.15 -7.63
C PRO D 9 20.31 11.93 -6.29
N THR D 10 21.64 12.01 -6.28
CA THR D 10 22.46 11.70 -5.12
C THR D 10 21.95 12.38 -3.85
N ARG D 11 21.76 13.69 -3.93
CA ARG D 11 21.34 14.45 -2.76
C ARG D 11 19.99 14.00 -2.19
N ALA D 12 18.99 13.82 -3.05
CA ALA D 12 17.67 13.44 -2.58
C ALA D 12 17.70 12.05 -1.95
N TYR D 13 18.47 11.15 -2.55
CA TYR D 13 18.60 9.80 -2.05
C TYR D 13 19.18 9.80 -0.64
N LEU D 14 20.31 10.49 -0.47
CA LEU D 14 20.93 10.55 0.85
C LEU D 14 20.03 11.26 1.87
N ASP D 15 19.24 12.23 1.41
CA ASP D 15 18.33 12.95 2.30
C ASP D 15 17.19 12.07 2.79
N GLN D 16 16.75 11.16 1.94
CA GLN D 16 15.66 10.26 2.29
C GLN D 16 16.13 8.96 2.93
N THR D 17 17.45 8.73 2.96
CA THR D 17 17.94 7.50 3.57
C THR D 17 18.65 7.68 4.92
N VAL D 18 19.77 8.40 4.94
CA VAL D 18 20.62 8.42 6.12
C VAL D 18 20.86 9.79 6.75
N VAL D 19 20.46 10.86 6.06
CA VAL D 19 20.75 12.20 6.55
C VAL D 19 20.16 12.53 7.94
N PRO D 20 18.88 12.23 8.19
CA PRO D 20 18.35 12.57 9.52
C PRO D 20 19.08 11.86 10.68
N ILE D 21 19.27 10.55 10.50
CA ILE D 21 19.90 9.76 11.54
C ILE D 21 21.36 10.16 11.66
N LEU D 22 21.97 10.60 10.56
CA LEU D 22 23.34 11.10 10.63
C LEU D 22 23.41 12.42 11.38
N LEU D 23 22.40 13.28 11.20
CA LEU D 23 22.33 14.55 11.94
C LEU D 23 22.27 14.27 13.43
N GLN D 24 21.38 13.36 13.82
CA GLN D 24 21.20 13.09 15.24
C GLN D 24 22.44 12.38 15.82
N GLY D 25 23.00 11.48 15.01
CA GLY D 25 24.18 10.73 15.40
C GLY D 25 25.36 11.63 15.63
N LEU D 26 25.63 12.50 14.67
CA LEU D 26 26.73 13.45 14.78
C LEU D 26 26.50 14.45 15.90
N ALA D 27 25.25 14.81 16.18
CA ALA D 27 24.96 15.70 17.29
C ALA D 27 25.34 15.06 18.62
N VAL D 28 24.89 13.82 18.81
CA VAL D 28 25.19 13.09 20.04
C VAL D 28 26.70 12.86 20.16
N LEU D 29 27.34 12.50 19.04
CA LEU D 29 28.78 12.29 18.99
C LEU D 29 29.56 13.53 19.41
N ALA D 30 29.19 14.67 18.83
CA ALA D 30 29.83 15.93 19.11
C ALA D 30 29.65 16.27 20.58
N LYS D 31 28.50 15.90 21.15
CA LYS D 31 28.24 16.19 22.55
C LYS D 31 29.08 15.31 23.50
N GLU D 32 29.12 14.01 23.24
CA GLU D 32 29.77 13.05 24.14
C GLU D 32 31.29 12.97 23.94
N ARG D 33 31.72 12.97 22.68
CA ARG D 33 33.14 12.84 22.33
C ARG D 33 33.83 11.65 23.00
N PRO D 34 33.45 10.42 22.61
CA PRO D 34 34.00 9.16 23.13
C PRO D 34 35.38 8.85 22.57
N PRO D 35 36.12 7.92 23.20
CA PRO D 35 37.45 7.55 22.69
C PRO D 35 37.40 6.95 21.28
N ASN D 36 36.29 6.34 20.92
CA ASN D 36 36.16 5.76 19.59
C ASN D 36 34.96 6.31 18.81
N PRO D 37 35.11 7.52 18.26
CA PRO D 37 34.01 8.28 17.65
C PRO D 37 33.32 7.53 16.50
N ILE D 38 34.08 6.83 15.66
CA ILE D 38 33.54 6.10 14.52
C ILE D 38 32.67 4.91 14.97
N GLU D 39 33.19 4.18 15.96
CA GLU D 39 32.47 3.04 16.52
C GLU D 39 31.20 3.52 17.16
N PHE D 40 31.30 4.63 17.87
CA PHE D 40 30.16 5.26 18.54
C PHE D 40 29.09 5.68 17.54
N LEU D 41 29.50 6.25 16.41
CA LEU D 41 28.54 6.69 15.40
C LEU D 41 27.84 5.49 14.78
N ALA D 42 28.61 4.46 14.42
CA ALA D 42 28.01 3.24 13.86
C ALA D 42 27.02 2.60 14.85
N SER D 43 27.38 2.57 16.13
CA SER D 43 26.51 1.99 17.14
C SER D 43 25.26 2.84 17.29
N TYR D 44 25.39 4.17 17.20
CA TYR D 44 24.22 5.03 17.24
C TYR D 44 23.28 4.69 16.08
N LEU D 45 23.87 4.53 14.89
CA LEU D 45 23.11 4.22 13.70
C LEU D 45 22.31 2.93 13.92
N LEU D 46 22.97 1.94 14.49
CA LEU D 46 22.29 0.67 14.72
C LEU D 46 21.21 0.76 15.80
N LYS D 47 21.48 1.52 16.86
CA LYS D 47 20.56 1.63 17.99
C LYS D 47 19.31 2.46 17.67
N ASN D 48 19.37 3.21 16.57
CA ASN D 48 18.22 4.03 16.16
C ASN D 48 17.67 3.73 14.78
N LYS D 49 18.19 2.73 14.08
CA LYS D 49 17.73 2.42 12.73
C LYS D 49 16.22 2.34 12.59
N ALA D 50 15.58 1.64 13.53
CA ALA D 50 14.16 1.40 13.44
C ALA D 50 13.35 2.70 13.52
N GLN D 51 13.87 3.69 14.26
CA GLN D 51 13.15 4.95 14.41
C GLN D 51 13.32 5.84 13.19
N PHE D 52 14.19 5.44 12.27
CA PHE D 52 14.49 6.24 11.08
C PHE D 52 14.20 5.45 9.80
N GLU D 53 13.57 4.29 9.96
CA GLU D 53 13.22 3.37 8.88
C GLU D 53 14.45 2.66 8.31
N VAL E 3 47.31 18.82 20.57
CA VAL E 3 46.27 18.01 19.92
C VAL E 3 45.24 17.48 20.93
N ASP E 4 44.25 18.31 21.25
CA ASP E 4 43.25 17.97 22.25
C ASP E 4 41.83 18.08 21.72
N LEU E 5 41.44 17.10 20.89
CA LEU E 5 40.07 16.88 20.42
C LEU E 5 39.01 17.52 21.31
N GLN E 6 38.84 16.92 22.50
CA GLN E 6 37.94 17.38 23.56
C GLN E 6 37.55 18.86 23.51
N SER E 7 38.52 19.73 23.27
CA SER E 7 38.30 21.17 23.29
C SER E 7 38.10 21.79 21.90
N LEU E 8 38.06 20.96 20.86
CA LEU E 8 37.84 21.47 19.51
C LEU E 8 36.42 21.98 19.33
N PRO E 9 36.23 22.97 18.45
CA PRO E 9 34.87 23.33 18.04
C PRO E 9 34.20 22.14 17.38
N THR E 10 32.86 22.10 17.42
CA THR E 10 32.08 20.96 16.92
C THR E 10 32.51 20.54 15.52
N ARG E 11 32.58 21.51 14.61
CA ARG E 11 32.89 21.29 13.21
C ARG E 11 34.29 20.66 13.07
N ALA E 12 35.27 21.24 13.76
CA ALA E 12 36.64 20.73 13.72
C ALA E 12 36.73 19.32 14.31
N TYR E 13 35.95 19.06 15.37
CA TYR E 13 35.92 17.73 15.98
C TYR E 13 35.40 16.69 15.00
N LEU E 14 34.24 16.96 14.40
CA LEU E 14 33.66 16.01 13.46
C LEU E 14 34.52 15.82 12.21
N ASP E 15 35.18 16.90 11.78
CA ASP E 15 36.06 16.84 10.63
C ASP E 15 37.33 16.06 10.93
N GLN E 16 37.77 16.09 12.18
CA GLN E 16 38.98 15.36 12.55
C GLN E 16 38.64 13.91 12.93
N THR E 17 37.37 13.60 13.16
CA THR E 17 37.03 12.24 13.59
C THR E 17 36.28 11.39 12.54
N VAL E 18 35.12 11.84 12.09
CA VAL E 18 34.24 10.99 11.29
C VAL E 18 33.96 11.48 9.85
N VAL E 19 34.31 12.71 9.54
CA VAL E 19 34.02 13.26 8.21
C VAL E 19 34.67 12.49 7.05
N PRO E 20 35.98 12.14 7.15
CA PRO E 20 36.54 11.44 5.98
C PRO E 20 35.86 10.09 5.69
N ILE E 21 35.65 9.31 6.74
CA ILE E 21 35.09 7.97 6.56
C ILE E 21 33.66 8.13 6.08
N LEU E 22 32.99 9.21 6.49
CA LEU E 22 31.63 9.51 6.05
C LEU E 22 31.61 9.93 4.57
N LEU E 23 32.65 10.63 4.13
CA LEU E 23 32.78 11.02 2.74
C LEU E 23 32.80 9.76 1.89
N GLN E 24 33.70 8.84 2.26
CA GLN E 24 33.84 7.63 1.45
C GLN E 24 32.61 6.73 1.58
N GLY E 25 32.07 6.68 2.79
CA GLY E 25 30.91 5.87 3.09
C GLY E 25 29.65 6.28 2.35
N LEU E 26 29.30 7.57 2.41
CA LEU E 26 28.15 8.04 1.67
C LEU E 26 28.38 7.99 0.17
N ALA E 27 29.63 8.16 -0.26
CA ALA E 27 29.92 8.02 -1.69
C ALA E 27 29.58 6.60 -2.15
N VAL E 28 30.07 5.62 -1.39
CA VAL E 28 29.80 4.22 -1.71
C VAL E 28 28.30 3.93 -1.64
N LEU E 29 27.66 4.45 -0.60
CA LEU E 29 26.22 4.29 -0.39
C LEU E 29 25.41 4.82 -1.57
N ALA E 30 25.72 6.05 -1.99
CA ALA E 30 25.03 6.70 -3.11
C ALA E 30 25.26 5.91 -4.39
N LYS E 31 26.44 5.32 -4.53
CA LYS E 31 26.72 4.53 -5.73
C LYS E 31 25.97 3.18 -5.76
N GLU E 32 26.02 2.44 -4.66
CA GLU E 32 25.45 1.09 -4.58
C GLU E 32 23.95 1.07 -4.28
N ARG E 33 23.52 1.92 -3.36
CA ARG E 33 22.13 2.02 -2.93
C ARG E 33 21.54 0.68 -2.50
N PRO E 34 22.01 0.14 -1.36
CA PRO E 34 21.58 -1.15 -0.82
C PRO E 34 20.17 -1.06 -0.24
N PRO E 35 19.52 -2.22 -0.01
CA PRO E 35 18.14 -2.21 0.53
C PRO E 35 18.02 -1.61 1.92
N ASN E 36 19.06 -1.74 2.74
CA ASN E 36 19.04 -1.19 4.09
C ASN E 36 20.20 -0.24 4.34
N PRO E 37 20.05 1.01 3.88
CA PRO E 37 21.10 2.03 3.83
C PRO E 37 21.73 2.33 5.20
N ILE E 38 20.92 2.41 6.24
CA ILE E 38 21.43 2.75 7.57
C ILE E 38 22.31 1.63 8.12
N GLU E 39 21.85 0.40 7.97
CA GLU E 39 22.63 -0.77 8.37
C GLU E 39 23.91 -0.89 7.54
N PHE E 40 23.77 -0.68 6.23
CA PHE E 40 24.90 -0.75 5.31
C PHE E 40 25.96 0.29 5.68
N LEU E 41 25.50 1.49 6.04
CA LEU E 41 26.40 2.58 6.42
C LEU E 41 27.13 2.27 7.73
N ALA E 42 26.38 1.79 8.72
CA ALA E 42 26.98 1.44 10.01
C ALA E 42 28.06 0.38 9.80
N SER E 43 27.74 -0.59 8.95
CA SER E 43 28.67 -1.66 8.66
C SER E 43 29.90 -1.12 7.91
N TYR E 44 29.70 -0.16 7.03
CA TYR E 44 30.84 0.46 6.32
C TYR E 44 31.77 1.14 7.32
N LEU E 45 31.20 1.92 8.25
CA LEU E 45 31.98 2.59 9.27
C LEU E 45 32.78 1.61 10.12
N LEU E 46 32.13 0.51 10.51
CA LEU E 46 32.83 -0.47 11.34
C LEU E 46 33.93 -1.19 10.56
N LYS E 47 33.63 -1.51 9.29
CA LYS E 47 34.54 -2.27 8.45
C LYS E 47 35.73 -1.47 7.95
N ASN E 48 35.63 -0.14 7.96
CA ASN E 48 36.73 0.68 7.48
C ASN E 48 37.31 1.58 8.57
N LYS E 49 36.79 1.43 9.79
CA LYS E 49 37.26 2.19 10.94
C LYS E 49 38.79 2.21 11.06
N ALA E 50 39.42 1.05 10.89
CA ALA E 50 40.85 0.89 11.09
C ALA E 50 41.69 1.73 10.12
N GLN E 51 41.20 1.93 8.90
CA GLN E 51 41.96 2.65 7.88
C GLN E 51 41.81 4.17 8.08
N PHE E 52 40.96 4.56 9.01
CA PHE E 52 40.67 5.97 9.24
C PHE E 52 40.96 6.39 10.69
N ALA F 2 25.42 22.98 19.34
CA ALA F 2 25.49 23.66 18.05
C ALA F 2 25.02 22.76 16.91
N MET F 3 23.70 22.58 16.81
CA MET F 3 23.12 21.78 15.74
C MET F 3 23.50 22.34 14.37
N GLY F 4 23.70 23.65 14.33
CA GLY F 4 24.10 24.33 13.10
C GLY F 4 25.42 23.78 12.61
N SER F 5 26.32 23.50 13.54
CA SER F 5 27.65 22.99 13.21
C SER F 5 27.55 21.58 12.63
N VAL F 6 26.67 20.77 13.20
CA VAL F 6 26.45 19.41 12.72
C VAL F 6 25.86 19.46 11.31
N GLU F 7 24.86 20.32 11.10
CA GLU F 7 24.24 20.45 9.79
C GLU F 7 25.23 20.95 8.75
N HIS F 8 26.11 21.85 9.17
CA HIS F 8 27.14 22.39 8.30
C HIS F 8 28.12 21.29 7.87
N THR F 9 28.53 20.47 8.84
CA THR F 9 29.41 19.33 8.59
C THR F 9 28.81 18.32 7.61
N LEU F 10 27.58 17.92 7.90
CA LEU F 10 26.89 16.96 7.05
C LEU F 10 26.68 17.56 5.67
N ALA F 11 26.44 18.87 5.62
CA ALA F 11 26.30 19.57 4.34
C ALA F 11 27.57 19.49 3.53
N ASP F 12 28.71 19.66 4.20
CA ASP F 12 30.00 19.50 3.53
C ASP F 12 30.09 18.11 2.92
N VAL F 13 29.73 17.11 3.74
CA VAL F 13 29.84 15.72 3.28
C VAL F 13 28.98 15.48 2.02
N LEU F 14 27.71 15.88 2.12
CA LEU F 14 26.77 15.71 1.03
C LEU F 14 27.23 16.43 -0.23
N TYR F 15 27.70 17.66 -0.06
CA TYR F 15 28.21 18.45 -1.18
C TYR F 15 29.32 17.72 -1.89
N HIS F 16 30.27 17.22 -1.12
CA HIS F 16 31.38 16.53 -1.76
CA HIS F 16 31.39 16.47 -1.70
C HIS F 16 30.91 15.27 -2.47
N VAL F 17 29.95 14.55 -1.88
CA VAL F 17 29.46 13.31 -2.50
C VAL F 17 28.75 13.59 -3.83
N GLU F 18 27.87 14.57 -3.86
CA GLU F 18 27.12 14.87 -5.09
C GLU F 18 27.99 15.50 -6.18
N THR F 19 29.16 16.04 -5.79
CA THR F 19 30.03 16.65 -6.79
C THR F 19 31.20 15.76 -7.18
N GLU F 20 31.14 14.48 -6.79
CA GLU F 20 32.07 13.50 -7.33
C GLU F 20 31.96 13.56 -8.84
N VAL F 21 33.06 13.48 -9.56
CA VAL F 21 33.02 13.63 -11.02
C VAL F 21 32.13 12.57 -11.67
N GLU F 22 32.08 11.38 -11.07
CA GLU F 22 31.26 10.29 -11.59
C GLU F 22 29.78 10.59 -11.48
N ASN F 23 29.41 11.48 -10.56
CA ASN F 23 28.01 11.85 -10.39
C ASN F 23 27.63 13.04 -11.27
N LEU F 24 28.64 13.82 -11.66
CA LEU F 24 28.43 15.01 -12.47
C LEU F 24 28.53 14.72 -13.97
N TYR F 25 29.49 13.88 -14.34
CA TYR F 25 29.80 13.63 -15.74
C TYR F 25 29.43 12.21 -16.18
N ASP G 4 -31.40 -18.46 -30.71
CA ASP G 4 -32.46 -17.66 -30.10
C ASP G 4 -32.14 -17.37 -28.64
N LEU G 5 -32.52 -16.18 -28.18
CA LEU G 5 -32.57 -15.85 -26.74
C LEU G 5 -34.04 -15.85 -26.32
N GLN G 6 -34.75 -14.84 -26.79
CA GLN G 6 -36.21 -14.65 -26.66
C GLN G 6 -37.00 -15.94 -26.39
N SER G 7 -36.69 -17.01 -27.10
CA SER G 7 -37.41 -18.27 -26.94
C SER G 7 -36.65 -19.29 -26.07
N LEU G 8 -35.53 -18.88 -25.48
CA LEU G 8 -34.81 -19.78 -24.58
C LEU G 8 -35.58 -19.99 -23.30
N PRO G 9 -35.43 -21.17 -22.68
CA PRO G 9 -35.95 -21.33 -21.31
C PRO G 9 -35.27 -20.36 -20.37
N THR G 10 -35.94 -20.05 -19.26
CA THR G 10 -35.48 -19.04 -18.31
C THR G 10 -34.01 -19.19 -17.93
N ARG G 11 -33.64 -20.41 -17.52
CA ARG G 11 -32.28 -20.66 -17.05
C ARG G 11 -31.23 -20.38 -18.11
N ALA G 12 -31.46 -20.89 -19.32
CA ALA G 12 -30.50 -20.73 -20.40
C ALA G 12 -30.38 -19.25 -20.78
N TYR G 13 -31.51 -18.54 -20.76
CA TYR G 13 -31.52 -17.12 -21.07
C TYR G 13 -30.66 -16.36 -20.08
N LEU G 14 -30.92 -16.56 -18.79
CA LEU G 14 -30.17 -15.85 -17.76
C LEU G 14 -28.69 -16.22 -17.81
N ASP G 15 -28.39 -17.46 -18.19
CA ASP G 15 -27.00 -17.90 -18.30
C ASP G 15 -26.30 -17.23 -19.47
N GLN G 16 -27.05 -16.95 -20.54
CA GLN G 16 -26.46 -16.32 -21.71
C GLN G 16 -26.46 -14.80 -21.62
N THR G 17 -27.15 -14.24 -20.66
CA THR G 17 -27.19 -12.79 -20.56
C THR G 17 -26.42 -12.19 -19.37
N VAL G 18 -26.84 -12.49 -18.15
CA VAL G 18 -26.34 -11.75 -17.00
C VAL G 18 -25.61 -12.58 -15.94
N VAL G 19 -25.69 -13.90 -16.04
CA VAL G 19 -25.11 -14.75 -15.00
C VAL G 19 -23.58 -14.58 -14.81
N PRO G 20 -22.78 -14.55 -15.89
CA PRO G 20 -21.33 -14.39 -15.65
C PRO G 20 -20.94 -13.08 -14.94
N ILE G 21 -21.50 -11.98 -15.43
CA ILE G 21 -21.17 -10.68 -14.88
C ILE G 21 -21.72 -10.56 -13.47
N LEU G 22 -22.85 -11.23 -13.21
CA LEU G 22 -23.40 -11.25 -11.87
C LEU G 22 -22.48 -12.03 -10.96
N LEU G 23 -21.86 -13.08 -11.49
CA LEU G 23 -20.92 -13.89 -10.72
CA LEU G 23 -20.94 -13.89 -10.72
C LEU G 23 -19.72 -13.07 -10.30
N GLN G 24 -19.10 -12.40 -11.27
CA GLN G 24 -17.91 -11.61 -10.92
C GLN G 24 -18.26 -10.40 -10.04
N GLY G 25 -19.40 -9.78 -10.33
CA GLY G 25 -19.89 -8.66 -9.56
C GLY G 25 -20.16 -9.00 -8.11
N LEU G 26 -20.89 -10.09 -7.89
CA LEU G 26 -21.18 -10.57 -6.55
C LEU G 26 -19.91 -11.00 -5.84
N ALA G 27 -18.95 -11.54 -6.59
CA ALA G 27 -17.66 -11.89 -6.01
C ALA G 27 -16.96 -10.64 -5.46
N VAL G 28 -16.86 -9.60 -6.28
CA VAL G 28 -16.20 -8.37 -5.87
C VAL G 28 -16.94 -7.72 -4.69
N LEU G 29 -18.28 -7.72 -4.77
CA LEU G 29 -19.12 -7.21 -3.69
C LEU G 29 -18.84 -7.91 -2.37
N ALA G 30 -18.84 -9.24 -2.41
CA ALA G 30 -18.60 -10.04 -1.22
C ALA G 30 -17.20 -9.79 -0.66
N LYS G 31 -16.24 -9.54 -1.55
CA LYS G 31 -14.87 -9.28 -1.09
C LYS G 31 -14.75 -7.91 -0.41
N GLU G 32 -15.31 -6.88 -1.05
CA GLU G 32 -15.15 -5.50 -0.58
C GLU G 32 -16.12 -5.11 0.53
N ARG G 33 -17.38 -5.53 0.39
CA ARG G 33 -18.45 -5.19 1.34
C ARG G 33 -18.54 -3.69 1.62
N PRO G 34 -18.96 -2.90 0.61
CA PRO G 34 -19.11 -1.45 0.72
C PRO G 34 -20.37 -1.09 1.51
N PRO G 35 -20.49 0.17 1.98
CA PRO G 35 -21.69 0.53 2.75
C PRO G 35 -23.01 0.44 1.97
N ASN G 36 -23.00 0.64 0.65
CA ASN G 36 -24.22 0.54 -0.13
C ASN G 36 -24.11 -0.49 -1.26
N PRO G 37 -24.26 -1.79 -0.92
CA PRO G 37 -23.95 -2.95 -1.77
C PRO G 37 -24.71 -3.00 -3.10
N ILE G 38 -25.97 -2.62 -3.11
CA ILE G 38 -26.79 -2.67 -4.32
C ILE G 38 -26.27 -1.68 -5.37
N GLU G 39 -25.95 -0.47 -4.91
CA GLU G 39 -25.41 0.58 -5.77
C GLU G 39 -24.08 0.13 -6.34
N PHE G 40 -23.27 -0.49 -5.49
CA PHE G 40 -21.96 -1.01 -5.87
C PHE G 40 -22.07 -2.11 -6.94
N LEU G 41 -23.04 -3.00 -6.77
CA LEU G 41 -23.23 -4.09 -7.73
C LEU G 41 -23.71 -3.55 -9.08
N ALA G 42 -24.70 -2.65 -9.03
CA ALA G 42 -25.21 -2.04 -10.27
C ALA G 42 -24.08 -1.29 -10.99
N SER G 43 -23.26 -0.59 -10.20
CA SER G 43 -22.15 0.16 -10.78
C SER G 43 -21.15 -0.80 -11.40
N TYR G 44 -20.92 -1.95 -10.76
CA TYR G 44 -20.04 -2.98 -11.32
C TYR G 44 -20.58 -3.44 -12.68
N LEU G 45 -21.88 -3.68 -12.72
CA LEU G 45 -22.54 -4.11 -13.94
C LEU G 45 -22.30 -3.09 -15.05
N LEU G 46 -22.47 -1.81 -14.72
CA LEU G 46 -22.29 -0.78 -15.74
C LEU G 46 -20.82 -0.64 -16.17
N LYS G 47 -19.90 -0.78 -15.23
CA LYS G 47 -18.48 -0.63 -15.51
C LYS G 47 -17.88 -1.83 -16.24
N ASN G 48 -18.59 -2.96 -16.22
CA ASN G 48 -18.08 -4.15 -16.92
C ASN G 48 -18.98 -4.67 -18.03
N LYS G 49 -20.06 -3.94 -18.33
CA LYS G 49 -21.02 -4.36 -19.36
C LYS G 49 -20.43 -4.73 -20.73
N ALA G 50 -19.52 -3.93 -21.25
CA ALA G 50 -18.98 -4.16 -22.60
C ALA G 50 -18.23 -5.49 -22.68
N GLN G 51 -17.60 -5.89 -21.57
CA GLN G 51 -16.81 -7.11 -21.56
C GLN G 51 -17.69 -8.35 -21.44
N PHE G 52 -18.98 -8.16 -21.19
CA PHE G 52 -19.91 -9.27 -21.01
C PHE G 52 -21.10 -9.26 -21.96
N GLU G 53 -21.14 -8.32 -22.90
CA GLU G 53 -22.28 -8.21 -23.80
C GLU G 53 -22.19 -9.29 -24.89
N LYS H 2 -27.79 -5.36 16.14
CA LYS H 2 -26.87 -6.26 16.81
C LYS H 2 -26.17 -7.18 15.80
N VAL H 3 -26.46 -6.98 14.52
CA VAL H 3 -25.88 -7.82 13.47
C VAL H 3 -24.91 -7.04 12.60
N ASP H 4 -23.61 -7.31 12.75
CA ASP H 4 -22.61 -6.79 11.84
C ASP H 4 -22.68 -7.57 10.54
N LEU H 5 -22.43 -6.90 9.42
CA LEU H 5 -22.49 -7.52 8.10
C LEU H 5 -21.07 -7.80 7.61
N GLN H 6 -20.12 -7.09 8.19
CA GLN H 6 -18.71 -7.26 7.87
C GLN H 6 -18.22 -8.67 8.19
N SER H 7 -18.70 -9.22 9.30
CA SER H 7 -18.22 -10.50 9.79
C SER H 7 -19.08 -11.69 9.35
N LEU H 8 -20.07 -11.43 8.49
CA LEU H 8 -20.92 -12.50 7.96
C LEU H 8 -20.16 -13.39 6.98
N PRO H 9 -20.53 -14.67 6.89
CA PRO H 9 -20.07 -15.53 5.79
C PRO H 9 -20.59 -14.97 4.45
N THR H 10 -19.90 -15.26 3.35
CA THR H 10 -20.23 -14.73 2.03
C THR H 10 -21.71 -14.91 1.67
N ARG H 11 -22.19 -16.14 1.78
CA ARG H 11 -23.56 -16.48 1.41
C ARG H 11 -24.57 -15.67 2.22
N ALA H 12 -24.36 -15.60 3.53
CA ALA H 12 -25.25 -14.86 4.42
C ALA H 12 -25.22 -13.36 4.12
N TYR H 13 -24.03 -12.85 3.81
CA TYR H 13 -23.86 -11.44 3.46
C TYR H 13 -24.65 -11.10 2.19
N LEU H 14 -24.44 -11.88 1.14
CA LEU H 14 -25.15 -11.63 -0.11
C LEU H 14 -26.66 -11.84 0.08
N ASP H 15 -27.02 -12.77 0.95
CA ASP H 15 -28.44 -13.04 1.23
C ASP H 15 -29.06 -11.87 1.96
N GLN H 16 -28.26 -11.18 2.77
CA GLN H 16 -28.76 -10.05 3.54
C GLN H 16 -28.68 -8.73 2.76
N THR H 17 -27.93 -8.70 1.67
CA THR H 17 -27.74 -7.45 0.93
C THR H 17 -28.47 -7.41 -0.42
N VAL H 18 -28.14 -8.33 -1.31
CA VAL H 18 -28.58 -8.22 -2.69
C VAL H 18 -29.47 -9.35 -3.22
N VAL H 19 -29.56 -10.46 -2.51
CA VAL H 19 -30.38 -11.58 -2.99
C VAL H 19 -31.86 -11.21 -3.18
N PRO H 20 -32.49 -10.53 -2.22
CA PRO H 20 -33.90 -10.21 -2.45
C PRO H 20 -34.14 -9.35 -3.70
N ILE H 21 -33.35 -8.30 -3.90
CA ILE H 21 -33.57 -7.43 -5.04
C ILE H 21 -33.21 -8.16 -6.34
N LEU H 22 -32.24 -9.06 -6.26
CA LEU H 22 -31.84 -9.87 -7.41
C LEU H 22 -32.92 -10.87 -7.83
N LEU H 23 -33.65 -11.40 -6.85
CA LEU H 23 -34.75 -12.33 -7.14
C LEU H 23 -35.79 -11.67 -8.03
N GLN H 24 -36.24 -10.49 -7.61
CA GLN H 24 -37.29 -9.76 -8.31
C GLN H 24 -36.75 -9.25 -9.62
N GLY H 25 -35.50 -8.80 -9.59
CA GLY H 25 -34.84 -8.24 -10.75
C GLY H 25 -34.65 -9.22 -11.88
N LEU H 26 -34.09 -10.39 -11.58
CA LEU H 26 -33.93 -11.41 -12.59
C LEU H 26 -35.28 -11.99 -13.01
N ALA H 27 -36.25 -12.01 -12.10
CA ALA H 27 -37.58 -12.46 -12.49
C ALA H 27 -38.15 -11.55 -13.59
N VAL H 28 -38.09 -10.24 -13.33
CA VAL H 28 -38.57 -9.26 -14.29
C VAL H 28 -37.78 -9.35 -15.59
N LEU H 29 -36.47 -9.48 -15.48
CA LEU H 29 -35.59 -9.61 -16.64
C LEU H 29 -35.95 -10.80 -17.51
N ALA H 30 -36.10 -11.96 -16.88
CA ALA H 30 -36.43 -13.20 -17.59
C ALA H 30 -37.80 -13.09 -18.24
N LYS H 31 -38.72 -12.38 -17.59
CA LYS H 31 -40.06 -12.20 -18.14
C LYS H 31 -40.07 -11.26 -19.36
N GLU H 32 -39.40 -10.12 -19.24
CA GLU H 32 -39.41 -9.09 -20.28
C GLU H 32 -38.41 -9.35 -21.40
N ARG H 33 -37.20 -9.77 -21.01
CA ARG H 33 -36.10 -10.02 -21.95
C ARG H 33 -35.83 -8.84 -22.88
N PRO H 34 -35.36 -7.72 -22.32
CA PRO H 34 -35.08 -6.52 -23.11
C PRO H 34 -33.80 -6.68 -23.93
N PRO H 35 -33.58 -5.82 -24.95
CA PRO H 35 -32.37 -5.90 -25.76
C PRO H 35 -31.09 -5.63 -24.96
N ASN H 36 -31.20 -4.94 -23.83
CA ASN H 36 -30.03 -4.60 -23.04
C ASN H 36 -30.09 -5.17 -21.63
N PRO H 37 -29.86 -6.49 -21.50
CA PRO H 37 -30.09 -7.20 -20.24
C PRO H 37 -29.27 -6.68 -19.07
N ILE H 38 -27.99 -6.44 -19.30
CA ILE H 38 -27.08 -6.02 -18.25
C ILE H 38 -27.40 -4.60 -17.78
N GLU H 39 -27.60 -3.71 -18.74
CA GLU H 39 -27.97 -2.33 -18.46
C GLU H 39 -29.32 -2.27 -17.76
N PHE H 40 -30.27 -3.06 -18.26
CA PHE H 40 -31.60 -3.14 -17.68
C PHE H 40 -31.55 -3.62 -16.25
N LEU H 41 -30.71 -4.60 -15.97
CA LEU H 41 -30.57 -5.14 -14.63
C LEU H 41 -29.97 -4.11 -13.67
N ALA H 42 -28.89 -3.45 -14.11
CA ALA H 42 -28.24 -2.42 -13.30
C ALA H 42 -29.23 -1.30 -12.97
N SER H 43 -30.01 -0.94 -13.98
CA SER H 43 -31.01 0.09 -13.83
C SER H 43 -32.10 -0.38 -12.89
N TYR H 44 -32.46 -1.66 -12.94
CA TYR H 44 -33.46 -2.19 -12.01
C TYR H 44 -32.93 -2.06 -10.58
N LEU H 45 -31.69 -2.47 -10.34
CA LEU H 45 -31.10 -2.37 -9.00
C LEU H 45 -31.05 -0.95 -8.45
N LEU H 46 -30.62 0.01 -9.28
CA LEU H 46 -30.51 1.38 -8.82
C LEU H 46 -31.87 1.94 -8.56
N LYS H 47 -32.77 1.62 -9.50
CA LYS H 47 -34.14 2.14 -9.41
C LYS H 47 -35.03 1.52 -8.32
N ASN H 48 -34.71 0.32 -7.86
CA ASN H 48 -35.56 -0.30 -6.83
C ASN H 48 -34.79 -0.47 -5.53
N LYS H 49 -33.58 0.05 -5.50
CA LYS H 49 -32.73 0.06 -4.31
C LYS H 49 -33.48 0.54 -3.06
N ALA H 50 -34.25 1.61 -3.21
CA ALA H 50 -34.94 2.23 -2.08
C ALA H 50 -36.00 1.31 -1.46
N GLN H 51 -36.61 0.46 -2.27
CA GLN H 51 -37.69 -0.41 -1.81
C GLN H 51 -37.18 -1.63 -1.07
N PHE H 52 -35.86 -1.79 -1.04
CA PHE H 52 -35.23 -2.95 -0.42
C PHE H 52 -34.26 -2.54 0.67
N ALA I 2 -14.15 -17.50 -1.68
CA ALA I 2 -15.16 -18.54 -1.81
C ALA I 2 -16.05 -18.29 -3.03
N MET I 3 -15.51 -18.57 -4.21
CA MET I 3 -16.24 -18.43 -5.46
C MET I 3 -17.47 -19.33 -5.41
N GLY I 4 -17.31 -20.44 -4.70
CA GLY I 4 -18.36 -21.43 -4.51
C GLY I 4 -19.58 -20.84 -3.83
N SER I 5 -19.34 -19.95 -2.86
CA SER I 5 -20.42 -19.31 -2.12
C SER I 5 -21.22 -18.37 -3.03
N VAL I 6 -20.50 -17.63 -3.87
CA VAL I 6 -21.15 -16.72 -4.82
C VAL I 6 -21.98 -17.53 -5.82
N GLU I 7 -21.40 -18.60 -6.34
CA GLU I 7 -22.14 -19.41 -7.31
C GLU I 7 -23.35 -20.07 -6.63
N HIS I 8 -23.21 -20.44 -5.37
CA HIS I 8 -24.30 -21.06 -4.61
C HIS I 8 -25.45 -20.06 -4.45
N THR I 9 -25.09 -18.82 -4.14
CA THR I 9 -26.05 -17.72 -4.02
C THR I 9 -26.80 -17.45 -5.33
N LEU I 10 -26.03 -17.31 -6.40
CA LEU I 10 -26.64 -17.06 -7.71
C LEU I 10 -27.50 -18.24 -8.12
N ALA I 11 -27.09 -19.44 -7.72
CA ALA I 11 -27.86 -20.64 -7.97
C ALA I 11 -29.20 -20.58 -7.25
N ASP I 12 -29.19 -20.09 -6.01
CA ASP I 12 -30.45 -19.91 -5.27
C ASP I 12 -31.36 -18.98 -6.05
N VAL I 13 -30.77 -17.87 -6.52
CA VAL I 13 -31.56 -16.86 -7.23
C VAL I 13 -32.18 -17.42 -8.50
N LEU I 14 -31.35 -18.06 -9.32
CA LEU I 14 -31.78 -18.65 -10.58
C LEU I 14 -32.84 -19.72 -10.37
N TYR I 15 -32.64 -20.54 -9.34
CA TYR I 15 -33.60 -21.58 -9.00
C TYR I 15 -34.94 -20.95 -8.72
N HIS I 16 -34.95 -19.92 -7.89
CA HIS I 16 -36.21 -19.28 -7.54
CA HIS I 16 -36.18 -19.22 -7.53
C HIS I 16 -36.87 -18.63 -8.76
N VAL I 17 -36.07 -18.01 -9.63
CA VAL I 17 -36.64 -17.38 -10.83
C VAL I 17 -37.27 -18.41 -11.77
N GLU I 18 -36.55 -19.49 -12.05
CA GLU I 18 -37.04 -20.49 -13.00
C GLU I 18 -38.21 -21.31 -12.44
N THR I 19 -38.38 -21.32 -11.12
CA THR I 19 -39.48 -22.09 -10.52
C THR I 19 -40.66 -21.21 -10.16
N GLU I 20 -40.65 -19.95 -10.61
CA GLU I 20 -41.82 -19.10 -10.49
C GLU I 20 -43.01 -19.79 -11.14
N VAL I 21 -44.20 -19.63 -10.54
CA VAL I 21 -45.39 -20.32 -11.00
C VAL I 21 -45.72 -20.00 -12.46
N GLU I 22 -45.46 -18.76 -12.86
CA GLU I 22 -45.72 -18.32 -14.22
C GLU I 22 -44.81 -19.01 -15.24
N ASN I 23 -43.66 -19.50 -14.78
CA ASN I 23 -42.71 -20.14 -15.68
C ASN I 23 -42.91 -21.65 -15.79
N LEU I 24 -43.48 -22.26 -14.76
CA LEU I 24 -43.68 -23.70 -14.74
C LEU I 24 -45.04 -24.09 -15.31
N TYR I 25 -46.08 -23.33 -14.96
CA TYR I 25 -47.44 -23.71 -15.30
C TYR I 25 -48.06 -22.84 -16.40
N ASP J 4 21.55 17.56 28.27
CA ASP J 4 20.58 18.63 28.44
C ASP J 4 19.16 18.03 28.49
N LEU J 5 18.16 18.87 28.73
CA LEU J 5 16.78 18.41 28.93
C LEU J 5 16.00 18.38 27.61
N GLN J 6 15.94 19.52 26.94
CA GLN J 6 15.41 19.66 25.57
C GLN J 6 15.40 18.39 24.67
N SER J 7 16.50 17.64 24.71
CA SER J 7 16.66 16.49 23.83
C SER J 7 16.33 15.15 24.49
N LEU J 8 15.87 15.18 25.74
CA LEU J 8 15.50 13.95 26.43
C LEU J 8 14.21 13.34 25.91
N PRO J 9 14.08 12.00 26.01
CA PRO J 9 12.79 11.35 25.81
C PRO J 9 11.78 11.84 26.84
N THR J 10 10.49 11.72 26.51
CA THR J 10 9.38 12.21 27.34
C THR J 10 9.50 11.81 28.81
N ARG J 11 9.65 10.51 29.03
CA ARG J 11 9.67 9.92 30.37
C ARG J 11 10.82 10.49 31.18
N ALA J 12 12.00 10.52 30.56
CA ALA J 12 13.22 11.01 31.20
C ALA J 12 13.14 12.50 31.50
N TYR J 13 12.52 13.26 30.59
CA TYR J 13 12.33 14.69 30.78
C TYR J 13 11.49 14.94 32.01
N LEU J 14 10.32 14.27 32.06
CA LEU J 14 9.42 14.43 33.19
C LEU J 14 10.06 13.93 34.50
N ASP J 15 10.92 12.91 34.41
CA ASP J 15 11.61 12.37 35.57
C ASP J 15 12.65 13.32 36.11
N GLN J 16 13.26 14.08 35.21
CA GLN J 16 14.31 15.02 35.57
C GLN J 16 13.73 16.38 35.95
N THR J 17 12.45 16.59 35.65
CA THR J 17 11.86 17.88 35.95
C THR J 17 10.80 17.89 37.07
N VAL J 18 9.71 17.15 36.89
CA VAL J 18 8.55 17.33 37.78
C VAL J 18 8.09 16.10 38.57
N VAL J 19 8.60 14.92 38.25
CA VAL J 19 8.13 13.70 38.89
C VAL J 19 8.33 13.65 40.42
N PRO J 20 9.52 14.00 40.95
CA PRO J 20 9.70 13.91 42.41
C PRO J 20 8.77 14.80 43.25
N ILE J 21 8.67 16.06 42.83
CA ILE J 21 7.86 17.02 43.57
C ILE J 21 6.40 16.63 43.44
N LEU J 22 6.05 15.99 42.32
CA LEU J 22 4.70 15.45 42.13
C LEU J 22 4.45 14.27 43.05
N LEU J 23 5.43 13.41 43.25
CA LEU J 23 5.26 12.30 44.19
C LEU J 23 4.96 12.83 45.58
N GLN J 24 5.77 13.78 46.05
CA GLN J 24 5.59 14.27 47.41
C GLN J 24 4.27 15.04 47.52
N GLY J 25 3.97 15.81 46.48
CA GLY J 25 2.76 16.61 46.42
C GLY J 25 1.50 15.78 46.44
N LEU J 26 1.47 14.77 45.58
CA LEU J 26 0.34 13.86 45.51
C LEU J 26 0.22 13.06 46.80
N ALA J 27 1.35 12.75 47.43
CA ALA J 27 1.33 12.07 48.73
C ALA J 27 0.63 12.93 49.78
N VAL J 28 1.04 14.19 49.88
CA VAL J 28 0.45 15.11 50.84
C VAL J 28 -1.03 15.31 50.53
N LEU J 29 -1.36 15.46 49.26
CA LEU J 29 -2.74 15.63 48.82
C LEU J 29 -3.59 14.44 49.26
N ALA J 30 -3.09 13.23 49.00
CA ALA J 30 -3.78 12.00 49.36
C ALA J 30 -3.94 11.85 50.86
N LYS J 31 -2.97 12.34 51.63
CA LYS J 31 -3.07 12.25 53.08
C LYS J 31 -4.11 13.22 53.62
N GLU J 32 -4.07 14.47 53.17
CA GLU J 32 -4.93 15.52 53.70
C GLU J 32 -6.32 15.57 53.07
N ARG J 33 -6.39 15.39 51.76
CA ARG J 33 -7.64 15.48 51.00
C ARG J 33 -8.40 16.79 51.27
N PRO J 34 -7.84 17.92 50.82
CA PRO J 34 -8.44 19.25 51.02
C PRO J 34 -9.63 19.46 50.10
N PRO J 35 -10.47 20.47 50.40
CA PRO J 35 -11.65 20.71 49.56
C PRO J 35 -11.30 21.10 48.12
N ASN J 36 -10.14 21.70 47.89
CA ASN J 36 -9.78 22.12 46.55
C ASN J 36 -8.47 21.48 46.10
N PRO J 37 -8.53 20.19 45.74
CA PRO J 37 -7.34 19.36 45.50
C PRO J 37 -6.39 19.87 44.39
N ILE J 38 -6.91 20.36 43.28
CA ILE J 38 -6.06 20.80 42.18
C ILE J 38 -5.28 22.06 42.58
N GLU J 39 -5.99 23.01 43.20
CA GLU J 39 -5.36 24.23 43.69
C GLU J 39 -4.35 23.91 44.77
N PHE J 40 -4.70 22.96 45.63
CA PHE J 40 -3.79 22.53 46.68
C PHE J 40 -2.51 21.94 46.11
N LEU J 41 -2.63 21.11 45.08
CA LEU J 41 -1.47 20.49 44.47
C LEU J 41 -0.58 21.52 43.81
N ALA J 42 -1.20 22.43 43.04
CA ALA J 42 -0.45 23.49 42.38
C ALA J 42 0.28 24.34 43.42
N SER J 43 -0.40 24.62 44.55
CA SER J 43 0.20 25.38 45.62
C SER J 43 1.36 24.62 46.24
N TYR J 44 1.25 23.29 46.34
CA TYR J 44 2.35 22.48 46.84
C TYR J 44 3.56 22.63 45.93
N LEU J 45 3.30 22.53 44.63
CA LEU J 45 4.35 22.62 43.63
C LEU J 45 5.08 23.95 43.77
N LEU J 46 4.33 25.03 43.93
CA LEU J 46 4.93 26.36 44.04
C LEU J 46 5.68 26.55 45.35
N LYS J 47 5.12 26.03 46.44
CA LYS J 47 5.72 26.20 47.76
C LYS J 47 6.95 25.33 47.96
N ASN J 48 7.11 24.28 47.17
CA ASN J 48 8.27 23.42 47.35
C ASN J 48 9.21 23.34 46.15
N LYS J 49 8.92 24.11 45.11
CA LYS J 49 9.76 24.17 43.90
C LYS J 49 11.25 24.35 44.22
N ALA J 50 11.55 25.18 45.20
CA ALA J 50 12.93 25.54 45.54
C ALA J 50 13.79 24.34 45.96
N GLN J 51 13.16 23.33 46.55
CA GLN J 51 13.90 22.16 47.02
C GLN J 51 14.24 21.22 45.87
N PHE J 52 13.73 21.53 44.69
CA PHE J 52 13.93 20.70 43.51
C PHE J 52 14.56 21.48 42.36
N VAL K 3 -21.34 9.95 46.62
CA VAL K 3 -20.08 9.27 46.90
C VAL K 3 -19.11 10.16 47.65
N ASP K 4 -18.65 9.72 48.82
CA ASP K 4 -17.69 10.50 49.61
C ASP K 4 -16.28 10.28 49.06
N LEU K 5 -15.46 11.31 49.15
CA LEU K 5 -14.11 11.28 48.62
C LEU K 5 -13.10 11.06 49.73
N GLN K 6 -13.49 11.50 50.92
CA GLN K 6 -12.68 11.35 52.13
C GLN K 6 -12.26 9.90 52.37
N SER K 7 -13.18 8.97 52.14
CA SER K 7 -12.95 7.56 52.43
C SER K 7 -12.52 6.69 51.24
N LEU K 8 -12.28 7.30 50.09
CA LEU K 8 -11.82 6.52 48.93
C LEU K 8 -10.41 6.02 49.15
N PRO K 9 -10.06 4.88 48.54
CA PRO K 9 -8.65 4.49 48.52
C PRO K 9 -7.80 5.54 47.81
N THR K 10 -6.53 5.61 48.14
CA THR K 10 -5.61 6.63 47.62
C THR K 10 -5.66 6.80 46.11
N ARG K 11 -5.50 5.69 45.39
CA ARG K 11 -5.44 5.70 43.93
C ARG K 11 -6.74 6.22 43.32
N ALA K 12 -7.87 5.73 43.83
CA ALA K 12 -9.17 6.16 43.34
C ALA K 12 -9.39 7.64 43.67
N TYR K 13 -8.93 8.07 44.84
CA TYR K 13 -9.05 9.46 45.24
C TYR K 13 -8.29 10.39 44.26
N LEU K 14 -7.02 10.08 44.03
CA LEU K 14 -6.18 10.88 43.15
C LEU K 14 -6.69 10.84 41.71
N ASP K 15 -7.26 9.71 41.32
CA ASP K 15 -7.80 9.54 39.98
C ASP K 15 -9.05 10.39 39.78
N GLN K 16 -9.83 10.53 40.85
CA GLN K 16 -11.07 11.28 40.75
C GLN K 16 -10.81 12.77 40.99
N THR K 17 -9.62 13.13 41.45
CA THR K 17 -9.33 14.54 41.72
C THR K 17 -8.40 15.21 40.70
N VAL K 18 -7.18 14.68 40.57
CA VAL K 18 -6.13 15.38 39.83
C VAL K 18 -5.56 14.65 38.62
N VAL K 19 -5.85 13.37 38.47
CA VAL K 19 -5.25 12.62 37.35
C VAL K 19 -5.62 13.18 35.97
N PRO K 20 -6.91 13.48 35.71
CA PRO K 20 -7.21 13.97 34.35
C PRO K 20 -6.48 15.25 33.98
N ILE K 21 -6.45 16.24 34.89
CA ILE K 21 -5.80 17.52 34.61
C ILE K 21 -4.29 17.35 34.51
N LEU K 22 -3.76 16.38 35.25
CA LEU K 22 -2.34 16.05 35.19
C LEU K 22 -1.94 15.40 33.86
N LEU K 23 -2.83 14.58 33.31
CA LEU K 23 -2.55 13.95 32.03
C LEU K 23 -2.28 14.98 30.93
N GLN K 24 -3.21 15.92 30.83
CA GLN K 24 -3.13 16.94 29.79
C GLN K 24 -2.03 17.95 30.14
N GLY K 25 -1.85 18.22 31.43
CA GLY K 25 -0.83 19.14 31.89
C GLY K 25 0.59 18.67 31.60
N LEU K 26 0.89 17.43 31.98
CA LEU K 26 2.19 16.84 31.67
C LEU K 26 2.34 16.59 30.16
N ALA K 27 1.25 16.34 29.46
CA ALA K 27 1.32 16.23 28.00
C ALA K 27 1.80 17.56 27.39
N VAL K 28 1.16 18.65 27.77
CA VAL K 28 1.54 19.97 27.27
C VAL K 28 2.97 20.32 27.70
N LEU K 29 3.31 20.01 28.95
CA LEU K 29 4.65 20.22 29.47
C LEU K 29 5.71 19.52 28.64
N ALA K 30 5.48 18.23 28.38
CA ALA K 30 6.41 17.43 27.58
C ALA K 30 6.53 17.98 26.16
N LYS K 31 5.44 18.50 25.64
CA LYS K 31 5.47 19.04 24.28
C LYS K 31 6.28 20.34 24.21
N GLU K 32 6.00 21.25 25.15
CA GLU K 32 6.60 22.58 25.13
C GLU K 32 7.99 22.62 25.75
N ARG K 33 8.16 21.93 26.87
CA ARG K 33 9.41 21.93 27.63
C ARG K 33 9.91 23.35 27.92
N PRO K 34 9.19 24.08 28.80
CA PRO K 34 9.55 25.45 29.17
C PRO K 34 10.74 25.49 30.12
N PRO K 35 11.36 26.67 30.27
CA PRO K 35 12.54 26.82 31.15
C PRO K 35 12.24 26.53 32.62
N ASN K 36 11.00 26.78 33.06
CA ASN K 36 10.63 26.54 34.45
C ASN K 36 9.48 25.55 34.58
N PRO K 37 9.78 24.26 34.47
CA PRO K 37 8.77 23.19 34.35
C PRO K 37 7.77 23.13 35.50
N ILE K 38 8.25 23.25 36.74
CA ILE K 38 7.36 23.13 37.89
C ILE K 38 6.40 24.32 37.94
N GLU K 39 6.94 25.50 37.69
CA GLU K 39 6.14 26.73 37.68
C GLU K 39 5.07 26.67 36.58
N PHE K 40 5.48 26.19 35.41
CA PHE K 40 4.58 26.03 34.27
C PHE K 40 3.45 25.04 34.56
N LEU K 41 3.80 23.93 35.20
CA LEU K 41 2.81 22.91 35.53
C LEU K 41 1.81 23.44 36.54
N ALA K 42 2.31 24.11 37.57
CA ALA K 42 1.46 24.70 38.58
C ALA K 42 0.52 25.73 37.95
N SER K 43 1.06 26.53 37.04
CA SER K 43 0.26 27.54 36.36
C SER K 43 -0.81 26.92 35.49
N TYR K 44 -0.46 25.82 34.83
CA TYR K 44 -1.44 25.08 34.04
C TYR K 44 -2.56 24.55 34.92
N LEU K 45 -2.19 23.97 36.05
CA LEU K 45 -3.17 23.42 36.98
C LEU K 45 -4.10 24.53 37.46
N LEU K 46 -3.54 25.69 37.80
CA LEU K 46 -4.34 26.79 38.31
C LEU K 46 -5.25 27.38 37.24
N LYS K 47 -4.73 27.50 36.02
CA LYS K 47 -5.46 28.12 34.93
C LYS K 47 -6.55 27.19 34.37
N ASN K 48 -6.44 25.90 34.60
CA ASN K 48 -7.45 24.99 34.06
C ASN K 48 -8.25 24.21 35.10
N LYS K 49 -8.00 24.49 36.37
CA LYS K 49 -8.70 23.83 37.47
C LYS K 49 -10.22 23.83 37.30
N ALA K 50 -10.76 24.96 36.85
CA ALA K 50 -12.21 25.14 36.76
C ALA K 50 -12.84 24.14 35.80
N GLN K 51 -12.09 23.76 34.77
CA GLN K 51 -12.60 22.87 33.74
C GLN K 51 -12.59 21.41 34.18
N PHE K 52 -12.06 21.15 35.38
CA PHE K 52 -11.95 19.79 35.88
C PHE K 52 -12.67 19.64 37.21
N ALA L 2 2.72 4.09 52.36
CA ALA L 2 1.58 4.24 51.45
C ALA L 2 2.03 4.89 50.14
N MET L 3 3.33 5.05 49.99
CA MET L 3 3.93 5.64 48.80
C MET L 3 3.62 4.87 47.52
N GLY L 4 3.38 3.57 47.65
CA GLY L 4 3.11 2.73 46.48
C GLY L 4 1.92 3.13 45.63
N SER L 5 0.82 3.53 46.27
CA SER L 5 -0.38 3.92 45.55
C SER L 5 -0.13 5.20 44.75
N VAL L 6 0.56 6.13 45.38
CA VAL L 6 0.90 7.41 44.76
C VAL L 6 1.83 7.20 43.57
N GLU L 7 2.83 6.36 43.78
CA GLU L 7 3.79 6.07 42.74
C GLU L 7 3.11 5.37 41.56
N HIS L 8 2.13 4.52 41.87
CA HIS L 8 1.33 3.82 40.87
C HIS L 8 0.52 4.79 40.03
N THR L 9 -0.11 5.74 40.71
CA THR L 9 -0.90 6.77 40.06
C THR L 9 -0.04 7.59 39.08
N LEU L 10 1.09 8.06 39.60
CA LEU L 10 1.98 8.85 38.77
C LEU L 10 2.48 8.02 37.59
N ALA L 11 2.68 6.72 37.81
CA ALA L 11 3.08 5.83 36.72
C ALA L 11 2.02 5.75 35.63
N ASP L 12 0.75 5.69 36.03
CA ASP L 12 -0.34 5.72 35.06
C ASP L 12 -0.27 7.01 34.23
N VAL L 13 -0.08 8.12 34.93
CA VAL L 13 -0.04 9.41 34.25
C VAL L 13 1.10 9.46 33.22
N LEU L 14 2.30 9.09 33.67
CA LEU L 14 3.48 9.07 32.82
C LEU L 14 3.29 8.16 31.62
N TYR L 15 2.66 7.02 31.85
CA TYR L 15 2.38 6.10 30.76
C TYR L 15 1.51 6.78 29.71
N HIS L 16 0.40 7.39 30.12
CA HIS L 16 -0.49 8.01 29.14
CA HIS L 16 -0.49 8.03 29.15
C HIS L 16 0.22 9.15 28.38
N VAL L 17 1.02 9.93 29.10
CA VAL L 17 1.71 11.03 28.43
C VAL L 17 2.70 10.50 27.40
N GLU L 18 3.46 9.48 27.79
CA GLU L 18 4.51 8.93 26.94
C GLU L 18 3.99 8.17 25.69
N THR L 19 2.76 7.67 25.75
CA THR L 19 2.19 6.93 24.63
C THR L 19 1.18 7.73 23.81
N GLU L 20 1.14 9.03 24.02
CA GLU L 20 0.31 9.90 23.21
C GLU L 20 0.62 9.70 21.73
N VAL L 21 -0.42 9.68 20.91
CA VAL L 21 -0.26 9.40 19.48
C VAL L 21 0.68 10.40 18.82
N GLU L 22 0.63 11.64 19.28
CA GLU L 22 1.48 12.70 18.73
C GLU L 22 2.96 12.44 19.00
N ASN L 23 3.24 11.67 20.04
CA ASN L 23 4.62 11.36 20.45
C ASN L 23 5.10 10.05 19.80
N LEU L 24 4.18 9.14 19.49
CA LEU L 24 4.58 7.84 18.96
C LEU L 24 4.72 7.84 17.45
N TYR L 25 3.81 8.54 16.76
CA TYR L 25 3.80 8.44 15.31
C TYR L 25 4.29 9.74 14.64
N ASP M 4 -4.84 7.29 -2.32
CA ASP M 4 -4.44 8.54 -2.97
C ASP M 4 -4.26 8.37 -4.47
N LEU M 5 -4.26 9.50 -5.17
CA LEU M 5 -4.11 9.55 -6.62
C LEU M 5 -2.75 10.15 -6.98
N GLN M 6 -2.66 11.46 -6.79
CA GLN M 6 -1.46 12.30 -6.97
C GLN M 6 -0.11 11.57 -6.95
N SER M 7 0.05 10.58 -6.08
CA SER M 7 1.32 9.88 -5.92
C SER M 7 1.46 8.59 -6.72
N LEU M 8 0.43 8.25 -7.49
CA LEU M 8 0.46 7.08 -8.36
C LEU M 8 1.29 7.27 -9.64
N PRO M 9 1.86 6.17 -10.16
CA PRO M 9 2.45 6.17 -11.51
C PRO M 9 1.39 6.48 -12.58
N THR M 10 1.81 6.98 -13.73
CA THR M 10 0.91 7.41 -14.81
C THR M 10 -0.16 6.39 -15.17
N ARG M 11 0.30 5.16 -15.43
CA ARG M 11 -0.58 4.07 -15.81
C ARG M 11 -1.62 3.78 -14.73
N ALA M 12 -1.18 3.68 -13.48
CA ALA M 12 -2.11 3.37 -12.41
C ALA M 12 -3.13 4.48 -12.25
N TYR M 13 -2.68 5.73 -12.35
CA TYR M 13 -3.56 6.89 -12.22
C TYR M 13 -4.66 6.84 -13.26
N LEU M 14 -4.28 6.61 -14.50
CA LEU M 14 -5.26 6.51 -15.58
C LEU M 14 -6.18 5.30 -15.35
N ASP M 15 -5.64 4.22 -14.76
CA ASP M 15 -6.41 3.02 -14.49
C ASP M 15 -7.45 3.24 -13.38
N GLN M 16 -7.12 4.08 -12.41
CA GLN M 16 -8.01 4.36 -11.30
C GLN M 16 -8.95 5.52 -11.61
N THR M 17 -8.69 6.25 -12.68
CA THR M 17 -9.56 7.39 -12.97
C THR M 17 -10.48 7.23 -14.18
N VAL M 18 -9.89 7.07 -15.36
CA VAL M 18 -10.64 7.19 -16.60
C VAL M 18 -10.67 5.95 -17.49
N VAL M 19 -9.83 4.95 -17.20
CA VAL M 19 -9.76 3.79 -18.09
C VAL M 19 -11.08 3.00 -18.22
N PRO M 20 -11.78 2.69 -17.11
CA PRO M 20 -13.01 1.88 -17.28
C PRO M 20 -14.08 2.55 -18.13
N ILE M 21 -14.34 3.82 -17.82
CA ILE M 21 -15.39 4.56 -18.52
C ILE M 21 -14.98 4.77 -19.97
N LEU M 22 -13.68 4.89 -20.23
CA LEU M 22 -13.18 5.00 -21.59
C LEU M 22 -13.37 3.70 -22.35
N LEU M 23 -13.17 2.58 -21.66
CA LEU M 23 -13.41 1.26 -22.26
C LEU M 23 -14.86 1.14 -22.71
N GLN M 24 -15.77 1.52 -21.83
CA GLN M 24 -17.20 1.39 -22.14
C GLN M 24 -17.59 2.39 -23.25
N GLY M 25 -17.01 3.58 -23.18
CA GLY M 25 -17.26 4.63 -24.14
C GLY M 25 -16.80 4.26 -25.54
N LEU M 26 -15.57 3.78 -25.65
CA LEU M 26 -15.01 3.36 -26.92
C LEU M 26 -15.75 2.13 -27.44
N ALA M 27 -16.26 1.29 -26.55
CA ALA M 27 -17.07 0.16 -26.98
C ALA M 27 -18.37 0.61 -27.66
N VAL M 28 -19.10 1.50 -26.98
CA VAL M 28 -20.35 2.03 -27.52
C VAL M 28 -20.09 2.84 -28.81
N LEU M 29 -19.04 3.64 -28.80
CA LEU M 29 -18.61 4.43 -29.94
C LEU M 29 -18.32 3.55 -31.16
N ALA M 30 -17.51 2.51 -30.94
CA ALA M 30 -17.13 1.59 -32.00
C ALA M 30 -18.35 0.85 -32.54
N LYS M 31 -19.32 0.58 -31.68
CA LYS M 31 -20.54 -0.10 -32.12
C LYS M 31 -21.45 0.82 -32.93
N GLU M 32 -21.70 2.02 -32.41
CA GLU M 32 -22.65 2.95 -33.02
C GLU M 32 -22.07 3.76 -34.16
N ARG M 33 -20.84 4.24 -33.99
CA ARG M 33 -20.15 5.08 -34.98
C ARG M 33 -20.97 6.28 -35.46
N PRO M 34 -21.17 7.27 -34.57
CA PRO M 34 -21.94 8.49 -34.86
C PRO M 34 -21.17 9.43 -35.78
N PRO M 35 -21.86 10.41 -36.38
CA PRO M 35 -21.16 11.34 -37.29
C PRO M 35 -20.12 12.18 -36.56
N ASN M 36 -20.32 12.43 -35.28
CA ASN M 36 -19.38 13.21 -34.50
C ASN M 36 -18.85 12.38 -33.32
N PRO M 37 -17.89 11.50 -33.61
CA PRO M 37 -17.39 10.50 -32.66
C PRO M 37 -16.82 11.10 -31.36
N ILE M 38 -16.06 12.18 -31.50
CA ILE M 38 -15.42 12.81 -30.34
C ILE M 38 -16.47 13.45 -29.42
N GLU M 39 -17.42 14.16 -30.03
CA GLU M 39 -18.50 14.79 -29.29
C GLU M 39 -19.32 13.72 -28.59
N PHE M 40 -19.55 12.63 -29.29
CA PHE M 40 -20.27 11.50 -28.72
C PHE M 40 -19.54 10.93 -27.52
N LEU M 41 -18.22 10.83 -27.60
CA LEU M 41 -17.44 10.29 -26.51
C LEU M 41 -17.49 11.20 -25.29
N ALA M 42 -17.32 12.50 -25.52
CA ALA M 42 -17.40 13.47 -24.42
C ALA M 42 -18.78 13.39 -23.75
N SER M 43 -19.81 13.28 -24.58
CA SER M 43 -21.18 13.19 -24.09
C SER M 43 -21.40 11.91 -23.30
N TYR M 44 -20.80 10.81 -23.74
CA TYR M 44 -20.89 9.55 -23.02
C TYR M 44 -20.23 9.67 -21.65
N LEU M 45 -19.03 10.24 -21.63
CA LEU M 45 -18.26 10.39 -20.40
C LEU M 45 -19.06 11.21 -19.37
N LEU M 46 -19.65 12.30 -19.85
CA LEU M 46 -20.41 13.18 -18.98
C LEU M 46 -21.69 12.49 -18.50
N LYS M 47 -22.31 11.72 -19.40
CA LYS M 47 -23.58 11.07 -19.12
C LYS M 47 -23.44 9.84 -18.22
N ASN M 48 -22.24 9.27 -18.14
CA ASN M 48 -22.05 8.07 -17.35
C ASN M 48 -21.08 8.26 -16.19
N LYS M 49 -20.60 9.49 -16.01
CA LYS M 49 -19.67 9.81 -14.93
C LYS M 49 -20.07 9.29 -13.55
N ALA M 50 -21.35 9.41 -13.18
CA ALA M 50 -21.79 9.10 -11.82
C ALA M 50 -21.58 7.64 -11.42
N GLN M 51 -21.73 6.72 -12.36
CA GLN M 51 -21.58 5.30 -12.07
C GLN M 51 -20.12 4.87 -12.11
N PHE M 52 -19.23 5.79 -12.50
CA PHE M 52 -17.81 5.47 -12.68
C PHE M 52 -16.90 6.35 -11.81
N GLU M 53 -17.49 7.19 -10.97
CA GLU M 53 -16.71 8.11 -10.15
C GLU M 53 -17.06 7.99 -8.67
N LEU N 5 -15.21 5.27 -43.80
CA LEU N 5 -15.52 4.89 -42.43
C LEU N 5 -16.53 3.75 -42.44
N GLN N 6 -17.17 3.50 -41.31
CA GLN N 6 -18.24 2.51 -41.21
C GLN N 6 -17.85 1.08 -41.57
N SER N 7 -17.06 0.90 -42.62
CA SER N 7 -16.66 -0.44 -43.05
C SER N 7 -15.28 -0.79 -42.51
N LEU N 8 -14.71 0.12 -41.72
CA LEU N 8 -13.41 -0.12 -41.11
C LEU N 8 -13.50 -1.14 -39.99
N PRO N 9 -12.42 -1.90 -39.77
CA PRO N 9 -12.33 -2.68 -38.54
C PRO N 9 -12.34 -1.75 -37.32
N THR N 10 -12.76 -2.27 -36.18
CA THR N 10 -12.91 -1.47 -34.96
C THR N 10 -11.69 -0.60 -34.64
N ARG N 11 -10.53 -1.23 -34.63
CA ARG N 11 -9.28 -0.58 -34.26
C ARG N 11 -8.93 0.57 -35.22
N ALA N 12 -9.05 0.32 -36.52
CA ALA N 12 -8.76 1.34 -37.53
C ALA N 12 -9.74 2.49 -37.39
N TYR N 13 -10.99 2.18 -37.10
CA TYR N 13 -12.01 3.21 -36.90
C TYR N 13 -11.65 4.11 -35.73
N LEU N 14 -11.35 3.49 -34.58
CA LEU N 14 -11.00 4.27 -33.40
C LEU N 14 -9.72 5.08 -33.62
N ASP N 15 -8.80 4.53 -34.40
CA ASP N 15 -7.54 5.21 -34.70
C ASP N 15 -7.73 6.42 -35.60
N GLN N 16 -8.73 6.35 -36.47
CA GLN N 16 -9.00 7.46 -37.38
C GLN N 16 -9.94 8.47 -36.75
N THR N 17 -10.59 8.10 -35.65
CA THR N 17 -11.56 9.01 -35.04
C THR N 17 -11.11 9.63 -33.71
N VAL N 18 -10.82 8.81 -32.71
CA VAL N 18 -10.65 9.35 -31.37
C VAL N 18 -9.29 9.15 -30.72
N VAL N 19 -8.46 8.29 -31.28
CA VAL N 19 -7.17 7.99 -30.68
C VAL N 19 -6.19 9.19 -30.56
N PRO N 20 -6.01 10.02 -31.61
CA PRO N 20 -5.04 11.11 -31.43
C PRO N 20 -5.40 12.11 -30.30
N ILE N 21 -6.67 12.52 -30.30
CA ILE N 21 -7.15 13.48 -29.33
C ILE N 21 -7.13 12.82 -27.94
N LEU N 22 -7.30 11.51 -27.88
CA LEU N 22 -7.19 10.78 -26.61
C LEU N 22 -5.74 10.73 -26.14
N LEU N 23 -4.82 10.61 -27.08
CA LEU N 23 -3.39 10.60 -26.77
C LEU N 23 -3.05 11.90 -26.06
N GLN N 24 -3.43 13.01 -26.68
CA GLN N 24 -3.07 14.30 -26.13
C GLN N 24 -3.84 14.56 -24.84
N GLY N 25 -5.10 14.13 -24.83
CA GLY N 25 -5.96 14.31 -23.68
C GLY N 25 -5.50 13.59 -22.43
N LEU N 26 -5.22 12.30 -22.54
CA LEU N 26 -4.71 11.54 -21.41
C LEU N 26 -3.31 11.99 -21.01
N ALA N 27 -2.52 12.46 -21.97
CA ALA N 27 -1.22 13.01 -21.62
C ALA N 27 -1.42 14.21 -20.68
N VAL N 28 -2.30 15.12 -21.09
CA VAL N 28 -2.60 16.30 -20.28
C VAL N 28 -3.18 15.91 -18.92
N LEU N 29 -4.09 14.94 -18.92
CA LEU N 29 -4.71 14.43 -17.70
C LEU N 29 -3.68 13.93 -16.72
N ALA N 30 -2.76 13.09 -17.22
CA ALA N 30 -1.70 12.53 -16.39
C ALA N 30 -0.78 13.62 -15.85
N LYS N 31 -0.58 14.69 -16.63
CA LYS N 31 0.26 15.79 -16.18
C LYS N 31 -0.40 16.64 -15.08
N GLU N 32 -1.66 17.01 -15.29
CA GLU N 32 -2.36 17.91 -14.38
C GLU N 32 -2.96 17.19 -13.18
N ARG N 33 -3.57 16.04 -13.43
CA ARG N 33 -4.27 15.26 -12.40
C ARG N 33 -5.22 16.13 -11.60
N PRO N 34 -6.29 16.58 -12.26
CA PRO N 34 -7.31 17.45 -11.67
C PRO N 34 -8.25 16.68 -10.73
N PRO N 35 -9.02 17.39 -9.90
CA PRO N 35 -9.97 16.74 -8.99
C PRO N 35 -11.02 15.98 -9.78
N ASN N 36 -11.15 16.40 -11.03
CA ASN N 36 -12.17 15.89 -11.91
C ASN N 36 -11.67 15.20 -13.16
N PRO N 37 -11.11 14.00 -13.03
CA PRO N 37 -10.44 13.40 -14.19
C PRO N 37 -11.37 13.17 -15.39
N ILE N 38 -12.56 12.64 -15.13
CA ILE N 38 -13.48 12.30 -16.21
C ILE N 38 -14.06 13.54 -16.88
N GLU N 39 -14.51 14.49 -16.06
CA GLU N 39 -15.06 15.75 -16.55
C GLU N 39 -14.00 16.56 -17.29
N PHE N 40 -12.79 16.56 -16.73
CA PHE N 40 -11.65 17.25 -17.33
C PHE N 40 -11.37 16.66 -18.71
N LEU N 41 -11.43 15.34 -18.80
CA LEU N 41 -11.16 14.67 -20.08
C LEU N 41 -12.24 14.98 -21.11
N ALA N 42 -13.50 14.87 -20.71
CA ALA N 42 -14.61 15.16 -21.64
C ALA N 42 -14.55 16.60 -22.14
N SER N 43 -14.28 17.53 -21.23
CA SER N 43 -14.17 18.94 -21.59
C SER N 43 -12.97 19.15 -22.51
N TYR N 44 -11.90 18.40 -22.27
CA TYR N 44 -10.72 18.46 -23.13
C TYR N 44 -11.10 18.07 -24.55
N LEU N 45 -11.78 16.94 -24.70
CA LEU N 45 -12.22 16.49 -26.02
C LEU N 45 -13.11 17.53 -26.69
N LEU N 46 -14.00 18.16 -25.92
CA LEU N 46 -14.90 19.15 -26.50
C LEU N 46 -14.18 20.44 -26.97
N LYS N 47 -13.20 20.89 -26.18
CA LYS N 47 -12.44 22.12 -26.41
C LYS N 47 -11.45 22.01 -27.58
N ASN N 48 -11.12 20.75 -27.85
CA ASN N 48 -10.11 20.32 -28.79
C ASN N 48 -10.67 19.52 -29.96
N LYS N 49 -12.00 19.39 -29.96
CA LYS N 49 -12.77 18.71 -31.01
C LYS N 49 -12.43 19.20 -32.42
N ALA N 50 -12.33 20.52 -32.55
CA ALA N 50 -12.12 21.17 -33.83
C ALA N 50 -10.79 20.81 -34.49
N GLN N 51 -9.77 20.54 -33.68
CA GLN N 51 -8.44 20.28 -34.21
C GLN N 51 -8.31 18.83 -34.72
N PHE N 52 -9.31 18.01 -34.43
CA PHE N 52 -9.23 16.59 -34.80
C PHE N 52 -10.43 16.14 -35.64
N ALA O 2 -16.41 -7.22 -30.43
CA ALA O 2 -14.99 -7.47 -30.26
C ALA O 2 -14.38 -6.56 -29.20
N MET O 3 -14.63 -6.86 -27.92
CA MET O 3 -14.08 -6.06 -26.83
C MET O 3 -12.55 -6.00 -26.87
N GLY O 4 -11.95 -7.05 -27.43
CA GLY O 4 -10.51 -7.15 -27.54
C GLY O 4 -9.89 -6.02 -28.34
N SER O 5 -10.55 -5.62 -29.43
CA SER O 5 -10.05 -4.56 -30.30
C SER O 5 -10.05 -3.20 -29.59
N VAL O 6 -11.11 -2.94 -28.83
CA VAL O 6 -11.24 -1.72 -28.04
C VAL O 6 -10.17 -1.69 -26.94
N GLU O 7 -9.98 -2.84 -26.29
CA GLU O 7 -8.99 -2.94 -25.22
C GLU O 7 -7.57 -2.75 -25.78
N HIS O 8 -7.32 -3.26 -26.99
CA HIS O 8 -6.03 -3.06 -27.64
C HIS O 8 -5.81 -1.59 -28.00
N THR O 9 -6.86 -0.95 -28.48
CA THR O 9 -6.76 0.47 -28.79
C THR O 9 -6.39 1.29 -27.55
N LEU O 10 -7.14 1.07 -26.48
CA LEU O 10 -6.87 1.81 -25.25
C LEU O 10 -5.47 1.48 -24.75
N ALA O 11 -5.04 0.24 -24.97
CA ALA O 11 -3.69 -0.18 -24.61
C ALA O 11 -2.62 0.62 -25.37
N ASP O 12 -2.84 0.84 -26.65
CA ASP O 12 -1.94 1.68 -27.46
C ASP O 12 -1.88 3.07 -26.86
N VAL O 13 -3.05 3.60 -26.54
CA VAL O 13 -3.12 4.96 -26.01
C VAL O 13 -2.34 5.08 -24.70
N LEU O 14 -2.62 4.18 -23.76
CA LEU O 14 -1.94 4.14 -22.46
C LEU O 14 -0.44 3.97 -22.62
N TYR O 15 -0.04 3.09 -23.53
CA TYR O 15 1.38 2.88 -23.77
C TYR O 15 2.03 4.20 -24.19
N HIS O 16 1.44 4.88 -25.17
CA HIS O 16 2.05 6.12 -25.66
CA HIS O 16 2.02 6.14 -25.67
C HIS O 16 2.07 7.21 -24.59
N VAL O 17 1.01 7.30 -23.79
CA VAL O 17 0.96 8.29 -22.72
C VAL O 17 2.02 8.02 -21.65
N GLU O 18 2.13 6.77 -21.21
CA GLU O 18 3.05 6.42 -20.15
C GLU O 18 4.50 6.45 -20.64
N THR O 19 4.71 6.36 -21.95
CA THR O 19 6.06 6.36 -22.49
C THR O 19 6.49 7.71 -23.03
N GLU O 20 5.68 8.74 -22.75
CA GLU O 20 6.06 10.11 -23.06
C GLU O 20 7.40 10.44 -22.42
N VAL O 21 8.23 11.19 -23.14
CA VAL O 21 9.57 11.52 -22.68
C VAL O 21 9.51 12.23 -21.33
N GLU O 22 8.48 13.06 -21.16
CA GLU O 22 8.30 13.80 -19.91
C GLU O 22 7.95 12.87 -18.74
N ASN O 23 7.40 11.70 -19.06
CA ASN O 23 6.99 10.75 -18.02
C ASN O 23 8.09 9.75 -17.65
N LEU O 24 8.99 9.49 -18.59
CA LEU O 24 10.07 8.54 -18.36
C LEU O 24 11.35 9.20 -17.83
N TYR O 25 11.67 10.38 -18.35
CA TYR O 25 12.93 11.04 -17.99
C TYR O 25 12.69 12.29 -17.15
N LEU P 8 20.75 -3.18 -51.60
CA LEU P 8 19.52 -2.48 -51.26
C LEU P 8 19.29 -2.44 -49.75
N PRO P 9 18.59 -1.40 -49.27
CA PRO P 9 18.10 -1.37 -47.89
C PRO P 9 17.12 -2.51 -47.61
N THR P 10 17.01 -2.89 -46.35
CA THR P 10 16.17 -4.01 -45.93
C THR P 10 14.74 -3.94 -46.47
N ARG P 11 14.10 -2.79 -46.25
CA ARG P 11 12.71 -2.57 -46.64
C ARG P 11 12.58 -2.71 -48.15
N ALA P 12 13.50 -2.06 -48.86
CA ALA P 12 13.52 -2.09 -50.33
C ALA P 12 13.81 -3.50 -50.85
N TYR P 13 14.70 -4.21 -50.16
CA TYR P 13 15.01 -5.59 -50.52
C TYR P 13 13.78 -6.49 -50.44
N LEU P 14 13.13 -6.45 -49.28
CA LEU P 14 11.94 -7.27 -49.06
C LEU P 14 10.80 -6.85 -50.00
N ASP P 15 10.75 -5.57 -50.35
CA ASP P 15 9.74 -5.07 -51.26
C ASP P 15 9.96 -5.61 -52.66
N GLN P 16 11.23 -5.78 -53.01
CA GLN P 16 11.57 -6.25 -54.35
C GLN P 16 11.63 -7.78 -54.42
N THR P 17 11.58 -8.44 -53.26
CA THR P 17 11.65 -9.90 -53.26
C THR P 17 10.35 -10.61 -52.88
N VAL P 18 9.87 -10.39 -51.65
CA VAL P 18 8.79 -11.22 -51.13
C VAL P 18 7.50 -10.52 -50.70
N VAL P 19 7.52 -9.20 -50.59
CA VAL P 19 6.35 -8.49 -50.05
C VAL P 19 5.04 -8.67 -50.85
N PRO P 20 5.06 -8.55 -52.20
CA PRO P 20 3.78 -8.71 -52.93
C PRO P 20 3.10 -10.08 -52.75
N ILE P 21 3.91 -11.13 -52.88
CA ILE P 21 3.40 -12.49 -52.80
C ILE P 21 2.94 -12.78 -51.38
N LEU P 22 3.59 -12.15 -50.40
CA LEU P 22 3.17 -12.27 -49.01
C LEU P 22 1.85 -11.54 -48.78
N LEU P 23 1.68 -10.38 -49.43
CA LEU P 23 0.41 -9.64 -49.31
C LEU P 23 -0.75 -10.52 -49.77
N GLN P 24 -0.61 -11.11 -50.96
CA GLN P 24 -1.72 -11.91 -51.48
C GLN P 24 -1.88 -13.20 -50.68
N GLY P 25 -0.76 -13.77 -50.26
CA GLY P 25 -0.77 -14.99 -49.47
C GLY P 25 -1.49 -14.81 -48.15
N LEU P 26 -1.16 -13.74 -47.44
CA LEU P 26 -1.78 -13.40 -46.17
C LEU P 26 -3.24 -13.03 -46.34
N ALA P 27 -3.58 -12.45 -47.50
CA ALA P 27 -4.98 -12.16 -47.81
C ALA P 27 -5.77 -13.46 -47.89
N VAL P 28 -5.23 -14.41 -48.65
CA VAL P 28 -5.85 -15.70 -48.83
C VAL P 28 -5.94 -16.46 -47.49
N LEU P 29 -4.86 -16.38 -46.71
CA LEU P 29 -4.78 -16.99 -45.39
C LEU P 29 -5.90 -16.46 -44.50
N ALA P 30 -6.01 -15.14 -44.44
CA ALA P 30 -7.02 -14.47 -43.62
C ALA P 30 -8.43 -14.82 -44.06
N LYS P 31 -8.64 -15.00 -45.36
CA LYS P 31 -9.96 -15.36 -45.86
C LYS P 31 -10.33 -16.82 -45.53
N GLU P 32 -9.41 -17.74 -45.81
CA GLU P 32 -9.71 -19.16 -45.70
C GLU P 32 -9.56 -19.69 -44.28
N ARG P 33 -8.50 -19.25 -43.60
CA ARG P 33 -8.18 -19.70 -42.23
C ARG P 33 -8.14 -21.23 -42.10
N PRO P 34 -7.15 -21.87 -42.72
CA PRO P 34 -6.92 -23.32 -42.77
C PRO P 34 -6.41 -23.87 -41.45
N PRO P 35 -6.45 -25.20 -41.28
CA PRO P 35 -6.00 -25.77 -40.01
C PRO P 35 -4.51 -25.53 -39.68
N ASN P 36 -3.62 -25.44 -40.66
CA ASN P 36 -2.22 -25.12 -40.33
C ASN P 36 -1.77 -23.94 -41.17
N PRO P 37 -2.02 -22.72 -40.68
CA PRO P 37 -1.81 -21.44 -41.38
C PRO P 37 -0.39 -21.29 -41.89
N ILE P 38 0.60 -21.75 -41.12
CA ILE P 38 1.98 -21.59 -41.54
C ILE P 38 2.34 -22.47 -42.75
N GLU P 39 1.93 -23.75 -42.69
CA GLU P 39 2.19 -24.66 -43.79
C GLU P 39 1.45 -24.18 -45.02
N PHE P 40 0.22 -23.73 -44.81
CA PHE P 40 -0.62 -23.20 -45.88
C PHE P 40 0.03 -21.99 -46.53
N LEU P 41 0.60 -21.11 -45.71
CA LEU P 41 1.24 -19.92 -46.23
C LEU P 41 2.48 -20.27 -47.05
N ALA P 42 3.30 -21.15 -46.50
CA ALA P 42 4.51 -21.59 -47.22
C ALA P 42 4.12 -22.23 -48.56
N SER P 43 3.05 -23.03 -48.53
CA SER P 43 2.56 -23.70 -49.73
C SER P 43 2.05 -22.70 -50.74
N TYR P 44 1.41 -21.64 -50.26
CA TYR P 44 0.97 -20.57 -51.16
C TYR P 44 2.20 -19.96 -51.83
N LEU P 45 3.22 -19.67 -51.02
CA LEU P 45 4.44 -19.06 -51.53
C LEU P 45 5.06 -19.92 -52.63
N LEU P 46 5.16 -21.21 -52.37
CA LEU P 46 5.78 -22.11 -53.34
C LEU P 46 4.94 -22.32 -54.59
N LYS P 47 3.62 -22.42 -54.42
CA LYS P 47 2.73 -22.67 -55.54
C LYS P 47 2.55 -21.43 -56.41
N ASN P 48 2.90 -20.27 -55.88
CA ASN P 48 2.74 -19.04 -56.66
C ASN P 48 4.02 -18.27 -56.98
N LYS P 49 5.18 -18.81 -56.59
CA LYS P 49 6.47 -18.17 -56.84
C LYS P 49 6.68 -17.66 -58.27
N ALA P 50 6.27 -18.46 -59.26
CA ALA P 50 6.51 -18.15 -60.66
C ALA P 50 5.82 -16.87 -61.13
N GLN P 51 4.68 -16.57 -60.52
CA GLN P 51 3.90 -15.40 -60.89
C GLN P 51 4.44 -14.11 -60.26
N PHE P 52 5.45 -14.23 -59.40
CA PHE P 52 5.98 -13.07 -58.70
C PHE P 52 7.49 -12.90 -58.89
N ASP Q 4 -10.40 -18.98 -29.27
CA ASP Q 4 -11.07 -19.05 -30.57
C ASP Q 4 -10.14 -18.43 -31.61
N LEU Q 5 -10.47 -18.60 -32.89
CA LEU Q 5 -9.66 -18.05 -33.98
C LEU Q 5 -10.57 -17.49 -35.07
N GLN Q 6 -11.23 -18.36 -35.82
CA GLN Q 6 -12.26 -18.02 -36.83
C GLN Q 6 -12.94 -16.66 -36.67
N SER Q 7 -13.23 -16.26 -35.43
CA SER Q 7 -13.94 -15.01 -35.18
C SER Q 7 -13.02 -13.82 -34.82
N LEU Q 8 -11.70 -14.03 -34.86
CA LEU Q 8 -10.77 -12.93 -34.60
C LEU Q 8 -10.80 -11.93 -35.75
N PRO Q 9 -10.53 -10.64 -35.45
CA PRO Q 9 -10.28 -9.69 -36.53
C PRO Q 9 -9.05 -10.10 -37.33
N THR Q 10 -8.98 -9.68 -38.59
CA THR Q 10 -7.89 -10.09 -39.49
C THR Q 10 -6.50 -9.90 -38.90
N ARG Q 11 -6.24 -8.71 -38.37
CA ARG Q 11 -4.93 -8.39 -37.82
C ARG Q 11 -4.60 -9.31 -36.64
N ALA Q 12 -5.57 -9.50 -35.73
CA ALA Q 12 -5.38 -10.36 -34.55
C ALA Q 12 -5.17 -11.81 -34.96
N TYR Q 13 -5.91 -12.23 -35.99
CA TYR Q 13 -5.80 -13.58 -36.52
C TYR Q 13 -4.39 -13.86 -37.04
N LEU Q 14 -3.92 -12.96 -37.90
CA LEU Q 14 -2.60 -13.10 -38.47
C LEU Q 14 -1.55 -12.99 -37.37
N ASP Q 15 -1.86 -12.23 -36.32
CA ASP Q 15 -0.93 -12.05 -35.22
C ASP Q 15 -0.75 -13.33 -34.43
N GLN Q 16 -1.83 -14.09 -34.27
CA GLN Q 16 -1.73 -15.34 -33.53
C GLN Q 16 -1.38 -16.53 -34.38
N THR Q 17 -1.39 -16.38 -35.71
CA THR Q 17 -1.11 -17.53 -36.56
C THR Q 17 0.30 -17.47 -37.15
N VAL Q 18 0.61 -16.44 -37.91
CA VAL Q 18 1.85 -16.45 -38.68
C VAL Q 18 2.86 -15.32 -38.45
N VAL Q 19 2.47 -14.28 -37.74
CA VAL Q 19 3.34 -13.12 -37.56
C VAL Q 19 4.69 -13.36 -36.89
N PRO Q 20 4.75 -14.11 -35.77
CA PRO Q 20 6.08 -14.27 -35.16
C PRO Q 20 7.12 -14.96 -36.07
N ILE Q 21 6.68 -16.05 -36.70
CA ILE Q 21 7.59 -16.82 -37.54
C ILE Q 21 7.97 -16.00 -38.76
N LEU Q 22 7.05 -15.13 -39.20
CA LEU Q 22 7.33 -14.22 -40.31
C LEU Q 22 8.33 -13.13 -39.91
N LEU Q 23 8.24 -12.65 -38.69
CA LEU Q 23 9.19 -11.67 -38.16
C LEU Q 23 10.59 -12.26 -38.25
N GLN Q 24 10.75 -13.46 -37.71
CA GLN Q 24 12.08 -14.05 -37.67
C GLN Q 24 12.55 -14.49 -39.06
N GLY Q 25 11.61 -15.00 -39.85
CA GLY Q 25 11.88 -15.46 -41.20
C GLY Q 25 12.35 -14.34 -42.11
N LEU Q 26 11.60 -13.23 -42.13
CA LEU Q 26 11.98 -12.08 -42.94
C LEU Q 26 13.27 -11.45 -42.42
N ALA Q 27 13.50 -11.55 -41.11
CA ALA Q 27 14.77 -11.09 -40.57
C ALA Q 27 15.94 -11.88 -41.17
N VAL Q 28 15.80 -13.20 -41.15
CA VAL Q 28 16.84 -14.09 -41.70
C VAL Q 28 17.01 -13.89 -43.21
N LEU Q 29 15.90 -13.76 -43.92
CA LEU Q 29 15.91 -13.51 -45.35
C LEU Q 29 16.68 -12.24 -45.66
N ALA Q 30 16.35 -11.16 -44.95
CA ALA Q 30 17.01 -9.88 -45.14
C ALA Q 30 18.51 -9.97 -44.84
N LYS Q 31 18.87 -10.78 -43.85
CA LYS Q 31 20.28 -10.93 -43.50
C LYS Q 31 21.07 -11.71 -44.55
N GLU Q 32 20.53 -12.84 -45.00
CA GLU Q 32 21.25 -13.73 -45.91
C GLU Q 32 21.15 -13.31 -47.37
N ARG Q 33 19.95 -12.90 -47.78
CA ARG Q 33 19.65 -12.53 -49.17
C ARG Q 33 20.08 -13.60 -50.19
N PRO Q 34 19.38 -14.76 -50.19
CA PRO Q 34 19.61 -15.92 -51.06
C PRO Q 34 19.09 -15.72 -52.49
N PRO Q 35 19.53 -16.56 -53.44
CA PRO Q 35 19.09 -16.47 -54.84
C PRO Q 35 17.59 -16.71 -55.05
N ASN Q 36 16.97 -17.50 -54.19
CA ASN Q 36 15.53 -17.76 -54.29
C ASN Q 36 14.80 -17.38 -53.01
N PRO Q 37 14.54 -16.09 -52.82
CA PRO Q 37 14.01 -15.52 -51.58
C PRO Q 37 12.67 -16.14 -51.18
N ILE Q 38 11.80 -16.36 -52.14
CA ILE Q 38 10.47 -16.90 -51.86
C ILE Q 38 10.57 -18.35 -51.40
N GLU Q 39 11.38 -19.13 -52.11
CA GLU Q 39 11.61 -20.53 -51.75
C GLU Q 39 12.29 -20.60 -50.38
N PHE Q 40 13.25 -19.70 -50.15
CA PHE Q 40 13.94 -19.64 -48.87
C PHE Q 40 13.02 -19.32 -47.70
N LEU Q 41 12.11 -18.37 -47.91
CA LEU Q 41 11.17 -17.99 -46.86
C LEU Q 41 10.22 -19.14 -46.58
N ALA Q 42 9.71 -19.76 -47.63
CA ALA Q 42 8.82 -20.90 -47.49
C ALA Q 42 9.52 -22.04 -46.73
N SER Q 43 10.79 -22.26 -47.05
CA SER Q 43 11.58 -23.30 -46.41
C SER Q 43 11.81 -22.99 -44.93
N TYR Q 44 12.05 -21.73 -44.62
CA TYR Q 44 12.19 -21.31 -43.22
C TYR Q 44 10.89 -21.55 -42.46
N LEU Q 45 9.78 -21.16 -43.06
CA LEU Q 45 8.47 -21.33 -42.45
C LEU Q 45 8.23 -22.80 -42.15
N LEU Q 46 8.55 -23.64 -43.11
CA LEU Q 46 8.32 -25.07 -43.00
C LEU Q 46 9.23 -25.73 -41.97
N LYS Q 47 10.49 -25.31 -41.94
CA LYS Q 47 11.49 -25.91 -41.06
C LYS Q 47 11.33 -25.50 -39.59
N ASN Q 48 10.61 -24.40 -39.36
CA ASN Q 48 10.43 -23.86 -38.02
C ASN Q 48 8.97 -23.82 -37.54
N LYS Q 49 8.07 -24.39 -38.34
CA LYS Q 49 6.62 -24.39 -38.07
C LYS Q 49 6.09 -24.83 -36.68
N ALA Q 50 6.59 -25.93 -36.14
CA ALA Q 50 6.10 -26.48 -34.88
C ALA Q 50 6.29 -25.57 -33.68
N GLN Q 51 7.30 -24.72 -33.79
CA GLN Q 51 7.70 -23.82 -32.78
C GLN Q 51 6.86 -22.56 -32.69
N PHE Q 52 6.00 -22.38 -33.68
CA PHE Q 52 5.17 -21.19 -33.80
C PHE Q 52 3.71 -21.58 -33.95
N ALA R 2 -10.92 -6.76 -46.60
CA ALA R 2 -10.14 -5.68 -46.03
C ALA R 2 -8.65 -5.90 -46.21
N MET R 3 -8.17 -5.68 -47.43
CA MET R 3 -6.75 -5.82 -47.76
C MET R 3 -5.90 -4.90 -46.88
N GLY R 4 -6.50 -3.82 -46.41
CA GLY R 4 -5.85 -2.85 -45.55
C GLY R 4 -5.32 -3.48 -44.28
N SER R 5 -6.08 -4.43 -43.73
CA SER R 5 -5.68 -5.10 -42.49
C SER R 5 -4.41 -5.91 -42.72
N VAL R 6 -4.38 -6.61 -43.85
CA VAL R 6 -3.24 -7.43 -44.24
C VAL R 6 -2.02 -6.54 -44.47
N GLU R 7 -2.23 -5.42 -45.15
CA GLU R 7 -1.15 -4.50 -45.44
C GLU R 7 -0.61 -3.90 -44.14
N HIS R 8 -1.49 -3.64 -43.18
CA HIS R 8 -1.10 -3.12 -41.87
C HIS R 8 -0.23 -4.13 -41.15
N THR R 9 -0.66 -5.39 -41.18
CA THR R 9 0.10 -6.48 -40.55
C THR R 9 1.50 -6.61 -41.13
N LEU R 10 1.58 -6.68 -42.46
CA LEU R 10 2.88 -6.80 -43.13
C LEU R 10 3.75 -5.56 -42.88
N ALA R 11 3.12 -4.40 -42.76
CA ALA R 11 3.83 -3.18 -42.43
C ALA R 11 4.46 -3.27 -41.03
N ASP R 12 3.70 -3.82 -40.08
CA ASP R 12 4.23 -4.05 -38.74
C ASP R 12 5.45 -4.96 -38.80
N VAL R 13 5.31 -6.05 -39.56
CA VAL R 13 6.38 -7.03 -39.66
C VAL R 13 7.64 -6.41 -40.25
N LEU R 14 7.49 -5.73 -41.39
CA LEU R 14 8.60 -5.06 -42.06
C LEU R 14 9.27 -4.02 -41.16
N TYR R 15 8.46 -3.26 -40.42
CA TYR R 15 9.02 -2.28 -39.49
C TYR R 15 9.93 -2.98 -38.48
N HIS R 16 9.42 -4.06 -37.88
CA HIS R 16 10.23 -4.75 -36.88
C HIS R 16 11.49 -5.34 -37.50
N VAL R 17 11.41 -5.83 -38.74
CA VAL R 17 12.58 -6.41 -39.38
C VAL R 17 13.66 -5.35 -39.66
N GLU R 18 13.27 -4.21 -40.25
CA GLU R 18 14.26 -3.20 -40.64
C GLU R 18 14.86 -2.49 -39.41
N THR R 19 14.18 -2.58 -38.28
CA THR R 19 14.65 -1.95 -37.05
C THR R 19 15.33 -2.93 -36.11
N GLU R 20 15.59 -4.15 -36.59
CA GLU R 20 16.39 -5.09 -35.83
C GLU R 20 17.74 -4.43 -35.51
N VAL R 21 18.22 -4.62 -34.29
CA VAL R 21 19.44 -3.97 -33.82
C VAL R 21 20.63 -4.30 -34.72
N GLU R 22 20.66 -5.52 -35.22
CA GLU R 22 21.72 -5.97 -36.10
C GLU R 22 21.69 -5.26 -37.45
N ASN R 23 20.52 -4.77 -37.82
CA ASN R 23 20.35 -4.13 -39.12
C ASN R 23 20.61 -2.62 -39.06
N LEU R 24 20.47 -2.04 -37.86
CA LEU R 24 20.67 -0.61 -37.66
C LEU R 24 22.10 -0.29 -37.27
N TYR R 25 22.68 -1.14 -36.44
CA TYR R 25 24.01 -0.89 -35.87
C TYR R 25 25.06 -1.86 -36.41
N LEU S 5 -4.23 -10.32 -5.66
CA LEU S 5 -3.67 -11.07 -6.78
C LEU S 5 -4.68 -12.06 -7.33
N GLN S 6 -4.22 -12.90 -8.25
CA GLN S 6 -5.04 -13.95 -8.88
C GLN S 6 -6.18 -13.35 -9.73
N SER S 7 -6.88 -12.36 -9.19
CA SER S 7 -8.00 -11.75 -9.90
C SER S 7 -7.60 -10.43 -10.54
N LEU S 8 -6.33 -10.07 -10.42
CA LEU S 8 -5.82 -8.83 -11.02
C LEU S 8 -5.72 -8.92 -12.54
N PRO S 9 -5.89 -7.77 -13.22
CA PRO S 9 -5.54 -7.66 -14.64
C PRO S 9 -4.05 -7.91 -14.85
N THR S 10 -3.66 -8.30 -16.06
CA THR S 10 -2.28 -8.64 -16.41
C THR S 10 -1.25 -7.61 -15.94
N ARG S 11 -1.50 -6.36 -16.33
CA ARG S 11 -0.58 -5.26 -16.07
C ARG S 11 -0.36 -5.07 -14.57
N ALA S 12 -1.47 -5.07 -13.83
CA ALA S 12 -1.44 -4.88 -12.38
C ALA S 12 -0.72 -6.02 -11.67
N TYR S 13 -0.95 -7.24 -12.16
CA TYR S 13 -0.30 -8.42 -11.60
C TYR S 13 1.21 -8.31 -11.74
N LEU S 14 1.65 -8.02 -12.96
CA LEU S 14 3.08 -7.91 -13.22
C LEU S 14 3.68 -6.73 -12.43
N ASP S 15 2.90 -5.67 -12.24
CA ASP S 15 3.37 -4.51 -11.48
C ASP S 15 3.53 -4.82 -10.02
N GLN S 16 2.65 -5.67 -9.50
CA GLN S 16 2.67 -5.99 -8.09
C GLN S 16 3.60 -7.15 -7.79
N THR S 17 4.07 -7.83 -8.82
CA THR S 17 4.93 -8.99 -8.59
C THR S 17 6.38 -8.77 -9.03
N VAL S 18 6.62 -8.54 -10.32
CA VAL S 18 7.99 -8.60 -10.83
C VAL S 18 8.54 -7.31 -11.44
N VAL S 19 7.67 -6.34 -11.70
CA VAL S 19 8.14 -5.12 -12.36
C VAL S 19 9.20 -4.35 -11.53
N PRO S 20 8.97 -4.14 -10.22
CA PRO S 20 9.98 -3.39 -9.48
C PRO S 20 11.37 -4.02 -9.51
N ILE S 21 11.47 -5.33 -9.33
CA ILE S 21 12.77 -5.98 -9.33
C ILE S 21 13.36 -6.02 -10.76
N LEU S 22 12.48 -6.08 -11.76
CA LEU S 22 12.93 -6.06 -13.15
C LEU S 22 13.54 -4.74 -13.55
N LEU S 23 12.97 -3.63 -13.10
CA LEU S 23 13.55 -2.33 -13.42
C LEU S 23 15.00 -2.25 -12.94
N GLN S 24 15.24 -2.64 -11.69
CA GLN S 24 16.57 -2.50 -11.14
C GLN S 24 17.51 -3.50 -11.80
N GLY S 25 16.99 -4.69 -12.09
CA GLY S 25 17.78 -5.73 -12.74
C GLY S 25 18.25 -5.31 -14.11
N LEU S 26 17.30 -4.81 -14.90
CA LEU S 26 17.58 -4.34 -16.25
C LEU S 26 18.50 -3.13 -16.21
N ALA S 27 18.37 -2.29 -15.19
CA ALA S 27 19.27 -1.14 -15.03
C ALA S 27 20.71 -1.59 -14.79
N VAL S 28 20.91 -2.52 -13.85
CA VAL S 28 22.24 -3.03 -13.53
C VAL S 28 22.82 -3.73 -14.76
N LEU S 29 21.98 -4.50 -15.45
CA LEU S 29 22.38 -5.16 -16.69
C LEU S 29 22.88 -4.15 -17.72
N ALA S 30 22.10 -3.10 -17.92
CA ALA S 30 22.44 -2.04 -18.87
C ALA S 30 23.74 -1.32 -18.50
N LYS S 31 23.98 -1.18 -17.20
CA LYS S 31 25.21 -0.51 -16.74
C LYS S 31 26.44 -1.41 -16.94
N GLU S 32 26.31 -2.66 -16.53
CA GLU S 32 27.45 -3.60 -16.54
C GLU S 32 27.68 -4.27 -17.90
N ARG S 33 26.59 -4.68 -18.54
CA ARG S 33 26.64 -5.39 -19.82
C ARG S 33 27.58 -6.61 -19.81
N PRO S 34 27.23 -7.64 -19.02
CA PRO S 34 28.04 -8.86 -18.86
C PRO S 34 27.97 -9.78 -20.08
N PRO S 35 28.91 -10.74 -20.18
CA PRO S 35 28.92 -11.66 -21.32
C PRO S 35 27.69 -12.56 -21.42
N ASN S 36 27.04 -12.88 -20.30
CA ASN S 36 25.84 -13.71 -20.34
C ASN S 36 24.65 -12.97 -19.71
N PRO S 37 24.06 -12.04 -20.49
CA PRO S 37 23.05 -11.09 -20.00
C PRO S 37 21.79 -11.72 -19.40
N ILE S 38 21.25 -12.76 -20.02
CA ILE S 38 20.03 -13.38 -19.52
C ILE S 38 20.30 -14.11 -18.19
N GLU S 39 21.39 -14.85 -18.14
CA GLU S 39 21.78 -15.57 -16.94
C GLU S 39 22.04 -14.57 -15.83
N PHE S 40 22.68 -13.46 -16.20
CA PHE S 40 22.96 -12.39 -15.25
C PHE S 40 21.69 -11.80 -14.66
N LEU S 41 20.70 -11.59 -15.52
CA LEU S 41 19.44 -11.00 -15.06
C LEU S 41 18.71 -11.94 -14.11
N ALA S 42 18.65 -13.21 -14.48
CA ALA S 42 18.04 -14.24 -13.65
C ALA S 42 18.75 -14.31 -12.28
N SER S 43 20.08 -14.22 -12.31
CA SER S 43 20.87 -14.24 -11.08
C SER S 43 20.56 -13.01 -10.24
N TYR S 44 20.33 -11.87 -10.89
CA TYR S 44 19.93 -10.68 -10.16
C TYR S 44 18.61 -10.91 -9.46
N LEU S 45 17.65 -11.47 -10.21
CA LEU S 45 16.32 -11.72 -9.68
C LEU S 45 16.41 -12.60 -8.44
N LEU S 46 17.22 -13.66 -8.52
CA LEU S 46 17.34 -14.58 -7.39
C LEU S 46 18.07 -13.94 -6.21
N LYS S 47 19.12 -13.16 -6.48
CA LYS S 47 19.92 -12.58 -5.42
C LYS S 47 19.22 -11.41 -4.71
N ASN S 48 18.22 -10.81 -5.36
CA ASN S 48 17.53 -9.67 -4.75
C ASN S 48 16.05 -9.90 -4.49
N LYS S 49 15.58 -11.12 -4.76
CA LYS S 49 14.18 -11.51 -4.55
C LYS S 49 13.63 -11.12 -3.18
N ALA S 50 14.43 -11.35 -2.13
CA ALA S 50 14.00 -11.13 -0.76
C ALA S 50 13.65 -9.67 -0.49
N GLN S 51 14.29 -8.78 -1.23
CA GLN S 51 14.10 -7.35 -1.03
C GLN S 51 12.78 -6.89 -1.67
N PHE S 52 12.15 -7.79 -2.42
CA PHE S 52 10.92 -7.46 -3.14
C PHE S 52 9.78 -8.40 -2.76
N ASP T 4 26.55 -3.76 -31.46
CA ASP T 4 27.68 -4.68 -31.30
C ASP T 4 28.80 -4.06 -30.46
N LEU T 5 28.63 -3.94 -29.15
CA LEU T 5 27.42 -4.31 -28.40
C LEU T 5 27.43 -3.52 -27.09
N GLN T 6 28.63 -3.18 -26.64
CA GLN T 6 28.83 -2.40 -25.44
C GLN T 6 28.68 -0.91 -25.72
N SER T 7 28.57 -0.58 -27.00
CA SER T 7 28.44 0.80 -27.45
C SER T 7 27.01 1.15 -27.84
N LEU T 8 26.10 0.18 -27.69
CA LEU T 8 24.70 0.41 -28.01
C LEU T 8 24.04 1.33 -27.00
N PRO T 9 23.04 2.09 -27.44
CA PRO T 9 22.18 2.79 -26.46
C PRO T 9 21.48 1.76 -25.58
N THR T 10 21.10 2.16 -24.37
CA THR T 10 20.48 1.24 -23.41
C THR T 10 19.32 0.41 -23.97
N ARG T 11 18.37 1.11 -24.59
CA ARG T 11 17.15 0.47 -25.10
C ARG T 11 17.49 -0.59 -26.14
N ALA T 12 18.38 -0.24 -27.05
CA ALA T 12 18.80 -1.16 -28.10
C ALA T 12 19.57 -2.36 -27.52
N TYR T 13 20.40 -2.10 -26.51
CA TYR T 13 21.14 -3.18 -25.87
C TYR T 13 20.19 -4.20 -25.24
N LEU T 14 19.27 -3.70 -24.42
CA LEU T 14 18.30 -4.54 -23.74
C LEU T 14 17.38 -5.24 -24.74
N ASP T 15 17.08 -4.56 -25.84
CA ASP T 15 16.23 -5.15 -26.87
C ASP T 15 16.95 -6.29 -27.56
N GLN T 16 18.27 -6.16 -27.68
CA GLN T 16 19.07 -7.16 -28.35
C GLN T 16 19.50 -8.30 -27.41
N THR T 17 19.33 -8.12 -26.10
CA THR T 17 19.78 -9.14 -25.15
C THR T 17 18.65 -9.92 -24.47
N VAL T 18 17.78 -9.21 -23.76
CA VAL T 18 16.82 -9.88 -22.88
C VAL T 18 15.35 -9.65 -23.20
N VAL T 19 15.04 -8.69 -24.06
CA VAL T 19 13.63 -8.35 -24.31
C VAL T 19 12.78 -9.51 -24.85
N PRO T 20 13.26 -10.26 -25.87
CA PRO T 20 12.40 -11.35 -26.38
C PRO T 20 12.04 -12.42 -25.33
N ILE T 21 13.06 -12.86 -24.59
CA ILE T 21 12.86 -13.91 -23.59
C ILE T 21 11.99 -13.36 -22.48
N LEU T 22 12.08 -12.06 -22.22
CA LEU T 22 11.21 -11.45 -21.23
C LEU T 22 9.77 -11.39 -21.68
N LEU T 23 9.56 -11.14 -22.97
CA LEU T 23 8.22 -11.14 -23.55
C LEU T 23 7.56 -12.49 -23.31
N GLN T 24 8.31 -13.54 -23.65
CA GLN T 24 7.76 -14.88 -23.54
C GLN T 24 7.56 -15.27 -22.07
N GLY T 25 8.54 -14.88 -21.24
CA GLY T 25 8.54 -15.16 -19.82
C GLY T 25 7.43 -14.52 -19.02
N LEU T 26 7.28 -13.21 -19.17
CA LEU T 26 6.21 -12.48 -18.51
C LEU T 26 4.85 -12.87 -19.08
N ALA T 27 4.80 -13.26 -20.35
CA ALA T 27 3.54 -13.78 -20.88
C ALA T 27 3.15 -15.07 -20.14
N VAL T 28 4.09 -16.00 -20.02
CA VAL T 28 3.81 -17.27 -19.32
C VAL T 28 3.49 -17.01 -17.85
N LEU T 29 4.23 -16.08 -17.23
CA LEU T 29 4.00 -15.68 -15.85
C LEU T 29 2.57 -15.17 -15.65
N ALA T 30 2.15 -14.26 -16.52
CA ALA T 30 0.81 -13.68 -16.43
C ALA T 30 -0.24 -14.76 -16.59
N LYS T 31 0.04 -15.74 -17.44
CA LYS T 31 -0.91 -16.82 -17.67
C LYS T 31 -1.01 -17.75 -16.44
N GLU T 32 0.11 -18.20 -15.92
CA GLU T 32 0.11 -19.21 -14.86
C GLU T 32 -0.07 -18.63 -13.46
N ARG T 33 0.59 -17.50 -13.20
CA ARG T 33 0.55 -16.87 -11.87
C ARG T 33 0.91 -17.84 -10.74
N PRO T 34 2.20 -18.23 -10.69
CA PRO T 34 2.71 -19.16 -9.69
C PRO T 34 2.82 -18.50 -8.33
N PRO T 35 2.96 -19.29 -7.26
CA PRO T 35 3.03 -18.69 -5.93
C PRO T 35 4.24 -17.77 -5.71
N ASN T 36 5.37 -18.03 -6.37
CA ASN T 36 6.52 -17.14 -6.19
C ASN T 36 7.02 -16.64 -7.55
N PRO T 37 6.42 -15.54 -8.04
CA PRO T 37 6.61 -15.02 -9.41
C PRO T 37 8.06 -14.74 -9.79
N ILE T 38 8.84 -14.18 -8.88
CA ILE T 38 10.22 -13.82 -9.22
C ILE T 38 11.07 -15.06 -9.45
N GLU T 39 10.93 -16.06 -8.58
CA GLU T 39 11.68 -17.30 -8.70
C GLU T 39 11.31 -18.00 -10.01
N PHE T 40 10.02 -18.00 -10.31
CA PHE T 40 9.51 -18.59 -11.53
C PHE T 40 10.08 -17.90 -12.77
N LEU T 41 10.14 -16.57 -12.74
CA LEU T 41 10.65 -15.83 -13.89
C LEU T 41 12.14 -16.11 -14.08
N ALA T 42 12.88 -16.11 -12.98
CA ALA T 42 14.31 -16.40 -13.04
C ALA T 42 14.56 -17.80 -13.60
N SER T 43 13.77 -18.76 -13.16
CA SER T 43 13.92 -20.14 -13.61
C SER T 43 13.55 -20.25 -15.10
N TYR T 44 12.54 -19.50 -15.52
CA TYR T 44 12.17 -19.46 -16.93
C TYR T 44 13.33 -18.93 -17.78
N LEU T 45 13.92 -17.84 -17.29
CA LEU T 45 15.05 -17.22 -17.96
C LEU T 45 16.22 -18.19 -18.08
N LEU T 46 16.51 -18.90 -17.00
CA LEU T 46 17.63 -19.85 -16.99
C LEU T 46 17.39 -21.07 -17.87
N LYS T 47 16.16 -21.58 -17.84
CA LYS T 47 15.81 -22.79 -18.57
C LYS T 47 15.66 -22.50 -20.06
N ASN T 48 15.43 -21.25 -20.44
CA ASN T 48 15.24 -20.97 -21.85
C ASN T 48 16.28 -20.03 -22.47
N LYS T 49 17.27 -19.62 -21.67
CA LYS T 49 18.33 -18.72 -22.15
C LYS T 49 18.98 -19.20 -23.45
N ALA T 50 19.27 -20.50 -23.53
CA ALA T 50 20.00 -21.04 -24.67
C ALA T 50 19.23 -20.85 -25.98
N GLN T 51 17.91 -20.83 -25.90
CA GLN T 51 17.06 -20.71 -27.09
C GLN T 51 16.97 -19.28 -27.60
N PHE T 52 17.55 -18.34 -26.86
CA PHE T 52 17.49 -16.92 -27.20
C PHE T 52 18.90 -16.36 -27.36
N MET U 3 17.48 5.79 -16.06
CA MET U 3 16.32 4.99 -15.69
C MET U 3 15.22 5.06 -16.74
N GLY U 4 15.15 6.17 -17.46
CA GLY U 4 14.11 6.36 -18.47
C GLY U 4 14.10 5.33 -19.59
N SER U 5 15.27 4.98 -20.08
CA SER U 5 15.38 4.01 -21.16
C SER U 5 14.96 2.61 -20.71
N VAL U 6 15.35 2.28 -19.48
CA VAL U 6 15.03 0.99 -18.86
C VAL U 6 13.53 0.87 -18.68
N GLU U 7 12.93 1.96 -18.17
CA GLU U 7 11.49 1.99 -17.96
C GLU U 7 10.75 1.92 -19.29
N HIS U 8 11.30 2.55 -20.33
CA HIS U 8 10.70 2.49 -21.68
C HIS U 8 10.70 1.07 -22.22
N THR U 9 11.84 0.40 -22.03
CA THR U 9 11.99 -0.99 -22.45
C THR U 9 10.97 -1.89 -21.77
N LEU U 10 10.91 -1.78 -20.44
CA LEU U 10 9.98 -2.61 -19.69
C LEU U 10 8.56 -2.26 -20.10
N ALA U 11 8.30 -1.00 -20.43
CA ALA U 11 6.99 -0.59 -20.90
C ALA U 11 6.62 -1.30 -22.21
N ASP U 12 7.59 -1.43 -23.12
CA ASP U 12 7.36 -2.20 -24.34
C ASP U 12 6.97 -3.63 -24.00
N VAL U 13 7.74 -4.22 -23.08
CA VAL U 13 7.50 -5.62 -22.71
C VAL U 13 6.09 -5.81 -22.16
N LEU U 14 5.74 -5.00 -21.17
CA LEU U 14 4.44 -5.06 -20.51
C LEU U 14 3.33 -4.85 -21.53
N TYR U 15 3.54 -3.91 -22.45
CA TYR U 15 2.55 -3.66 -23.49
C TYR U 15 2.31 -4.93 -24.30
N HIS U 16 3.37 -5.56 -24.78
CA HIS U 16 3.20 -6.75 -25.61
CA HIS U 16 3.21 -6.77 -25.60
C HIS U 16 2.54 -7.90 -24.83
N VAL U 17 2.92 -8.06 -23.57
CA VAL U 17 2.32 -9.12 -22.75
C VAL U 17 0.82 -8.87 -22.57
N GLU U 18 0.46 -7.64 -22.25
CA GLU U 18 -0.92 -7.24 -21.97
C GLU U 18 -1.84 -7.27 -23.21
N THR U 19 -1.26 -7.14 -24.41
CA THR U 19 -2.05 -7.13 -25.64
C THR U 19 -2.00 -8.44 -26.42
N GLU U 20 -1.44 -9.48 -25.81
CA GLU U 20 -1.47 -10.81 -26.41
C GLU U 20 -2.91 -11.19 -26.74
N VAL U 21 -3.12 -11.83 -27.88
CA VAL U 21 -4.47 -12.17 -28.35
C VAL U 21 -5.22 -13.05 -27.34
N GLU U 22 -4.49 -13.94 -26.67
CA GLU U 22 -5.11 -14.82 -25.69
C GLU U 22 -5.62 -14.00 -24.51
N ASN U 23 -5.05 -12.81 -24.32
CA ASN U 23 -5.42 -11.95 -23.21
C ASN U 23 -6.55 -10.98 -23.58
N LEU U 24 -6.69 -10.66 -24.87
CA LEU U 24 -7.71 -9.72 -25.33
C LEU U 24 -9.01 -10.41 -25.71
N TYR U 25 -8.88 -11.57 -26.34
CA TYR U 25 -10.03 -12.27 -26.88
C TYR U 25 -10.31 -13.56 -26.09
N ASP V 4 -35.37 -2.84 34.14
CA ASP V 4 -34.79 -2.88 32.80
C ASP V 4 -33.89 -1.65 32.62
N LEU V 5 -33.12 -1.63 31.53
CA LEU V 5 -32.20 -0.52 31.18
C LEU V 5 -31.61 0.26 32.36
N GLN V 6 -32.46 1.11 32.95
CA GLN V 6 -32.14 1.92 34.12
C GLN V 6 -31.53 1.14 35.29
N SER V 7 -31.99 -0.09 35.54
CA SER V 7 -31.47 -0.84 36.69
C SER V 7 -30.34 -1.82 36.34
N LEU V 8 -29.93 -1.84 35.06
CA LEU V 8 -28.82 -2.68 34.61
C LEU V 8 -27.44 -2.16 35.06
N PRO V 9 -26.44 -3.06 35.16
CA PRO V 9 -25.06 -2.62 35.34
C PRO V 9 -24.58 -1.77 34.17
N THR V 10 -23.58 -0.92 34.41
CA THR V 10 -23.10 0.03 33.41
C THR V 10 -22.81 -0.58 32.04
N ARG V 11 -21.95 -1.60 32.03
CA ARG V 11 -21.58 -2.22 30.77
C ARG V 11 -22.77 -2.84 30.07
N ALA V 12 -23.61 -3.54 30.82
CA ALA V 12 -24.77 -4.20 30.23
C ALA V 12 -25.71 -3.16 29.63
N TYR V 13 -25.85 -2.02 30.31
CA TYR V 13 -26.66 -0.94 29.80
C TYR V 13 -26.13 -0.42 28.46
N LEU V 14 -24.84 -0.10 28.42
CA LEU V 14 -24.23 0.41 27.20
C LEU V 14 -24.28 -0.63 26.08
N ASP V 15 -24.19 -1.90 26.46
CA ASP V 15 -24.25 -3.00 25.53
C ASP V 15 -25.65 -3.15 24.94
N GLN V 16 -26.65 -2.80 25.72
CA GLN V 16 -28.02 -2.92 25.23
C GLN V 16 -28.46 -1.65 24.51
N THR V 17 -27.68 -0.58 24.65
CA THR V 17 -28.08 0.69 24.03
C THR V 17 -27.26 1.14 22.83
N VAL V 18 -25.98 1.40 23.04
CA VAL V 18 -25.18 2.10 22.03
C VAL V 18 -23.99 1.35 21.45
N VAL V 19 -23.62 0.22 22.05
CA VAL V 19 -22.42 -0.49 21.61
C VAL V 19 -22.46 -1.01 20.16
N PRO V 20 -23.56 -1.66 19.71
CA PRO V 20 -23.56 -2.18 18.33
C PRO V 20 -23.39 -1.09 17.25
N ILE V 21 -24.16 -0.01 17.40
CA ILE V 21 -24.14 1.07 16.44
C ILE V 21 -22.80 1.80 16.50
N LEU V 22 -22.19 1.84 17.68
CA LEU V 22 -20.86 2.42 17.82
C LEU V 22 -19.81 1.55 17.15
N LEU V 23 -19.95 0.23 17.26
CA LEU V 23 -19.02 -0.68 16.57
C LEU V 23 -19.07 -0.46 15.06
N GLN V 24 -20.28 -0.42 14.49
CA GLN V 24 -20.36 -0.26 13.04
C GLN V 24 -19.91 1.15 12.64
N GLY V 25 -20.27 2.13 13.45
CA GLY V 25 -19.91 3.51 13.20
C GLY V 25 -18.41 3.73 13.21
N LEU V 26 -17.75 3.21 14.24
CA LEU V 26 -16.31 3.32 14.35
C LEU V 26 -15.63 2.53 13.24
N ALA V 27 -16.26 1.43 12.79
CA ALA V 27 -15.71 0.70 11.66
C ALA V 27 -15.68 1.57 10.40
N VAL V 28 -16.82 2.19 10.11
CA VAL V 28 -16.94 3.05 8.92
C VAL V 28 -16.01 4.26 9.01
N LEU V 29 -15.96 4.86 10.19
CA LEU V 29 -15.09 5.99 10.49
C LEU V 29 -13.63 5.65 10.24
N ALA V 30 -13.21 4.52 10.81
CA ALA V 30 -11.84 4.05 10.68
C ALA V 30 -11.49 3.74 9.23
N LYS V 31 -12.47 3.23 8.48
CA LYS V 31 -12.21 2.91 7.08
C LYS V 31 -12.07 4.15 6.19
N GLU V 32 -13.01 5.07 6.28
CA GLU V 32 -13.00 6.23 5.38
C GLU V 32 -12.09 7.36 5.86
N ARG V 33 -12.08 7.58 7.17
CA ARG V 33 -11.31 8.67 7.81
C ARG V 33 -11.61 10.04 7.20
N PRO V 34 -12.82 10.56 7.46
CA PRO V 34 -13.35 11.84 6.97
C PRO V 34 -12.74 13.02 7.70
N PRO V 35 -12.86 14.24 7.15
CA PRO V 35 -12.29 15.43 7.81
C PRO V 35 -12.90 15.77 9.17
N ASN V 36 -14.15 15.41 9.42
CA ASN V 36 -14.78 15.71 10.72
C ASN V 36 -15.25 14.46 11.45
N PRO V 37 -14.30 13.72 12.05
CA PRO V 37 -14.55 12.38 12.61
C PRO V 37 -15.66 12.36 13.65
N ILE V 38 -15.68 13.35 14.55
CA ILE V 38 -16.70 13.36 15.60
C ILE V 38 -18.08 13.66 15.03
N GLU V 39 -18.16 14.68 14.17
CA GLU V 39 -19.42 15.05 13.54
C GLU V 39 -19.91 13.89 12.70
N PHE V 40 -18.98 13.28 11.98
CA PHE V 40 -19.28 12.12 11.14
C PHE V 40 -19.83 10.94 11.94
N LEU V 41 -19.23 10.70 13.10
CA LEU V 41 -19.66 9.60 13.96
C LEU V 41 -21.07 9.88 14.48
N ALA V 42 -21.29 11.12 14.93
CA ALA V 42 -22.61 11.53 15.40
C ALA V 42 -23.67 11.38 14.30
N SER V 43 -23.31 11.76 13.08
CA SER V 43 -24.21 11.67 11.93
C SER V 43 -24.50 10.22 11.58
N TYR V 44 -23.50 9.36 11.73
CA TYR V 44 -23.72 7.93 11.51
C TYR V 44 -24.73 7.42 12.53
N LEU V 45 -24.52 7.81 13.78
CA LEU V 45 -25.39 7.38 14.87
C LEU V 45 -26.84 7.80 14.59
N LEU V 46 -27.02 9.05 14.19
CA LEU V 46 -28.36 9.57 13.94
C LEU V 46 -29.00 8.97 12.70
N LYS V 47 -28.21 8.76 11.64
CA LYS V 47 -28.74 8.25 10.39
C LYS V 47 -29.07 6.76 10.48
N ASN V 48 -28.51 6.08 11.48
CA ASN V 48 -28.77 4.65 11.61
C ASN V 48 -29.47 4.20 12.90
N LYS V 49 -29.84 5.16 13.75
CA LYS V 49 -30.52 4.87 15.02
C LYS V 49 -31.71 3.89 14.93
N ALA V 50 -32.56 4.08 13.93
CA ALA V 50 -33.78 3.31 13.78
C ALA V 50 -33.54 1.83 13.57
N GLN V 51 -32.42 1.50 12.94
CA GLN V 51 -32.08 0.11 12.62
C GLN V 51 -31.47 -0.64 13.80
N PHE V 52 -31.24 0.07 14.90
CA PHE V 52 -30.59 -0.51 16.07
C PHE V 52 -31.46 -0.40 17.33
N ALA W 2 -10.26 -3.49 9.99
CA ALA W 2 -10.46 -4.73 10.74
C ALA W 2 -11.29 -4.47 12.00
N MET W 3 -12.38 -5.21 12.14
CA MET W 3 -13.27 -5.08 13.29
C MET W 3 -12.60 -5.37 14.63
N GLY W 4 -11.55 -6.18 14.65
CA GLY W 4 -10.87 -6.50 15.89
C GLY W 4 -10.28 -5.29 16.60
N SER W 5 -9.67 -4.40 15.81
CA SER W 5 -9.05 -3.20 16.34
C SER W 5 -10.11 -2.25 16.90
N VAL W 6 -11.21 -2.13 16.17
CA VAL W 6 -12.32 -1.28 16.56
C VAL W 6 -12.97 -1.78 17.86
N GLU W 7 -13.20 -3.08 17.91
CA GLU W 7 -13.81 -3.68 19.09
C GLU W 7 -12.85 -3.56 20.29
N HIS W 8 -11.54 -3.63 20.02
CA HIS W 8 -10.54 -3.42 21.07
C HIS W 8 -10.63 -2.00 21.63
N THR W 9 -10.77 -1.05 20.72
CA THR W 9 -10.91 0.36 21.09
C THR W 9 -12.14 0.59 21.98
N LEU W 10 -13.28 0.08 21.50
CA LEU W 10 -14.51 0.24 22.25
C LEU W 10 -14.42 -0.47 23.60
N ALA W 11 -13.69 -1.58 23.64
CA ALA W 11 -13.44 -2.30 24.88
C ALA W 11 -12.67 -1.44 25.87
N ASP W 12 -11.66 -0.73 25.38
CA ASP W 12 -10.94 0.23 26.23
C ASP W 12 -11.91 1.26 26.78
N VAL W 13 -12.72 1.82 25.89
CA VAL W 13 -13.64 2.89 26.29
C VAL W 13 -14.60 2.42 27.39
N LEU W 14 -15.26 1.29 27.13
CA LEU W 14 -16.20 0.71 28.08
C LEU W 14 -15.53 0.38 29.40
N TYR W 15 -14.31 -0.15 29.35
CA TYR W 15 -13.58 -0.45 30.56
C TYR W 15 -13.43 0.82 31.40
N HIS W 16 -12.97 1.90 30.78
CA HIS W 16 -12.81 3.13 31.55
CA HIS W 16 -12.83 3.17 31.50
C HIS W 16 -14.15 3.63 32.08
N VAL W 17 -15.21 3.51 31.29
CA VAL W 17 -16.51 4.00 31.76
C VAL W 17 -17.02 3.23 32.97
N GLU W 18 -16.99 1.90 32.91
CA GLU W 18 -17.54 1.10 34.01
C GLU W 18 -16.65 1.17 35.26
N THR W 19 -15.39 1.54 35.08
CA THR W 19 -14.45 1.64 36.20
C THR W 19 -14.25 3.08 36.66
N GLU W 20 -15.08 3.99 36.16
CA GLU W 20 -15.10 5.35 36.66
C GLU W 20 -15.36 5.31 38.17
N VAL W 21 -14.69 6.19 38.90
CA VAL W 21 -14.77 6.19 40.37
C VAL W 21 -16.21 6.32 40.84
N GLU W 22 -17.01 7.08 40.10
CA GLU W 22 -18.42 7.28 40.44
C GLU W 22 -19.28 6.02 40.27
N ASN W 23 -18.84 5.09 39.43
CA ASN W 23 -19.61 3.87 39.15
C ASN W 23 -19.28 2.71 40.08
N LEU W 24 -18.07 2.73 40.63
CA LEU W 24 -17.60 1.65 41.49
C LEU W 24 -17.94 1.93 42.95
N TYR W 25 -17.81 3.19 43.33
CA TYR W 25 -17.95 3.58 44.74
C TYR W 25 -19.21 4.40 44.95
N ASP X 4 0.70 12.89 11.11
CA ASP X 4 -0.05 12.46 9.93
C ASP X 4 -1.46 12.19 10.44
N LEU X 5 -2.04 11.05 10.07
CA LEU X 5 -3.38 10.60 10.50
C LEU X 5 -3.78 9.42 9.62
N GLN X 6 -4.14 9.75 8.38
CA GLN X 6 -4.43 8.79 7.30
C GLN X 6 -3.74 7.43 7.41
N SER X 7 -2.45 7.45 7.76
CA SER X 7 -1.63 6.25 7.81
C SER X 7 -1.46 5.65 9.22
N LEU X 8 -2.17 6.19 10.21
CA LEU X 8 -2.07 5.65 11.57
C LEU X 8 -2.72 4.28 11.60
N PRO X 9 -2.25 3.40 12.51
CA PRO X 9 -3.03 2.18 12.73
C PRO X 9 -4.41 2.52 13.26
N THR X 10 -5.38 1.68 12.99
CA THR X 10 -6.77 1.93 13.37
C THR X 10 -6.96 2.35 14.83
N ARG X 11 -6.37 1.59 15.75
CA ARG X 11 -6.56 1.89 17.16
C ARG X 11 -6.04 3.28 17.47
N ALA X 12 -4.86 3.59 16.95
CA ALA X 12 -4.24 4.91 17.17
C ALA X 12 -5.06 6.00 16.50
N TYR X 13 -5.63 5.71 15.34
CA TYR X 13 -6.48 6.67 14.66
C TYR X 13 -7.72 7.04 15.48
N LEU X 14 -8.44 6.01 15.92
CA LEU X 14 -9.64 6.22 16.71
C LEU X 14 -9.32 6.87 18.04
N ASP X 15 -8.17 6.53 18.59
CA ASP X 15 -7.72 7.08 19.86
C ASP X 15 -7.35 8.54 19.73
N GLN X 16 -6.87 8.93 18.55
CA GLN X 16 -6.47 10.30 18.29
C GLN X 16 -7.64 11.14 17.80
N THR X 17 -8.74 10.49 17.44
CA THR X 17 -9.88 11.25 16.93
C THR X 17 -11.08 11.33 17.86
N VAL X 18 -11.66 10.18 18.21
CA VAL X 18 -12.96 10.18 18.87
C VAL X 18 -13.02 9.57 20.27
N VAL X 19 -11.96 8.87 20.66
CA VAL X 19 -11.96 8.17 21.95
C VAL X 19 -12.11 9.06 23.20
N PRO X 20 -11.38 10.20 23.30
CA PRO X 20 -11.61 10.98 24.52
C PRO X 20 -13.06 11.43 24.71
N ILE X 21 -13.63 11.96 23.63
CA ILE X 21 -14.98 12.47 23.70
C ILE X 21 -15.97 11.31 23.90
N LEU X 22 -15.63 10.13 23.38
CA LEU X 22 -16.47 8.95 23.61
C LEU X 22 -16.40 8.51 25.06
N LEU X 23 -15.23 8.63 25.66
CA LEU X 23 -15.05 8.32 27.08
C LEU X 23 -16.00 9.19 27.90
N GLN X 24 -15.95 10.49 27.62
CA GLN X 24 -16.74 11.45 28.40
C GLN X 24 -18.23 11.24 28.14
N GLY X 25 -18.55 11.00 26.86
CA GLY X 25 -19.91 10.80 26.39
C GLY X 25 -20.60 9.56 26.91
N LEU X 26 -19.95 8.42 26.81
CA LEU X 26 -20.50 7.17 27.33
C LEU X 26 -20.55 7.21 28.86
N ALA X 27 -19.62 7.93 29.49
CA ALA X 27 -19.71 8.11 30.94
C ALA X 27 -21.00 8.86 31.31
N VAL X 28 -21.21 10.00 30.66
CA VAL X 28 -22.40 10.82 30.95
C VAL X 28 -23.67 10.05 30.60
N LEU X 29 -23.66 9.35 29.47
CA LEU X 29 -24.77 8.51 29.05
C LEU X 29 -25.11 7.48 30.12
N ALA X 30 -24.08 6.80 30.63
CA ALA X 30 -24.27 5.79 31.67
C ALA X 30 -24.86 6.43 32.93
N LYS X 31 -24.49 7.68 33.19
CA LYS X 31 -25.02 8.41 34.36
C LYS X 31 -26.49 8.80 34.18
N GLU X 32 -26.84 9.34 33.02
CA GLU X 32 -28.17 9.90 32.78
C GLU X 32 -29.21 8.86 32.42
N ARG X 33 -28.84 7.93 31.55
CA ARG X 33 -29.72 6.89 31.02
C ARG X 33 -31.07 7.42 30.50
N PRO X 34 -31.03 8.17 29.38
CA PRO X 34 -32.17 8.80 28.69
C PRO X 34 -32.99 7.80 27.86
N PRO X 35 -34.22 8.17 27.45
CA PRO X 35 -35.07 7.28 26.64
C PRO X 35 -34.49 6.96 25.25
N ASN X 36 -33.72 7.88 24.67
CA ASN X 36 -33.09 7.64 23.37
C ASN X 36 -31.58 7.81 23.43
N PRO X 37 -30.89 6.77 23.91
CA PRO X 37 -29.44 6.80 24.20
C PRO X 37 -28.61 7.20 22.99
N ILE X 38 -28.97 6.72 21.81
CA ILE X 38 -28.18 7.00 20.62
C ILE X 38 -28.27 8.49 20.26
N GLU X 39 -29.48 9.04 20.28
CA GLU X 39 -29.65 10.47 20.01
C GLU X 39 -28.95 11.30 21.09
N PHE X 40 -29.05 10.87 22.33
CA PHE X 40 -28.36 11.57 23.41
C PHE X 40 -26.84 11.58 23.20
N LEU X 41 -26.28 10.46 22.78
CA LEU X 41 -24.83 10.38 22.56
C LEU X 41 -24.38 11.22 21.38
N ALA X 42 -25.10 11.10 20.26
CA ALA X 42 -24.78 11.87 19.06
C ALA X 42 -24.83 13.35 19.40
N SER X 43 -25.86 13.72 20.17
CA SER X 43 -26.04 15.10 20.57
C SER X 43 -24.90 15.55 21.47
N TYR X 44 -24.43 14.69 22.37
CA TYR X 44 -23.28 15.03 23.23
C TYR X 44 -22.03 15.28 22.40
N LEU X 45 -21.77 14.37 21.47
CA LEU X 45 -20.62 14.45 20.59
C LEU X 45 -20.67 15.78 19.85
N LEU X 46 -21.88 16.15 19.42
CA LEU X 46 -22.06 17.40 18.68
C LEU X 46 -21.87 18.65 19.53
N LYS X 47 -22.37 18.62 20.77
CA LYS X 47 -22.32 19.77 21.66
C LYS X 47 -20.92 20.01 22.17
N ASN X 48 -20.11 18.94 22.07
CA ASN X 48 -18.76 18.90 22.66
C ASN X 48 -17.60 18.70 21.68
N LYS X 49 -17.94 18.61 20.39
CA LYS X 49 -16.99 18.47 19.30
C LYS X 49 -15.80 19.43 19.34
N ALA X 50 -16.04 20.69 19.68
CA ALA X 50 -15.00 21.71 19.62
C ALA X 50 -13.83 21.41 20.57
N GLN X 51 -14.15 20.86 21.74
CA GLN X 51 -13.14 20.57 22.74
C GLN X 51 -12.50 19.20 22.52
S SO4 Y . 0.03 -4.59 37.44
O1 SO4 Y . -0.08 -4.31 38.87
O2 SO4 Y . 1.26 -5.35 37.19
O3 SO4 Y . -1.13 -5.36 37.00
O4 SO4 Y . 0.09 -3.33 36.71
S SO4 Z . 34.75 16.83 -5.10
O1 SO4 Z . 33.89 18.00 -4.93
O2 SO4 Z . 35.94 16.97 -4.27
O3 SO4 Z . 34.01 15.64 -4.68
O4 SO4 Z . 35.12 16.71 -6.50
S SO4 AA . -40.53 -20.04 -5.69
O1 SO4 AA . -41.74 -20.71 -6.13
O2 SO4 AA . -40.04 -19.16 -6.76
O3 SO4 AA . -40.82 -19.24 -4.50
O4 SO4 AA . -39.51 -21.02 -5.37
S SO4 BA . -10.41 4.94 35.72
O1 SO4 BA . -9.95 3.63 35.25
O2 SO4 BA . -9.30 5.88 35.70
O3 SO4 BA . -11.47 5.42 34.84
O4 SO4 BA . -10.91 4.82 37.08
S SO4 CA . -3.29 7.18 24.93
O1 SO4 CA . -2.52 8.34 25.35
O2 SO4 CA . -2.46 5.98 25.03
O3 SO4 CA . -4.45 7.02 25.81
O4 SO4 CA . -3.73 7.36 23.55
S SO4 DA . 6.51 7.80 -27.40
O1 SO4 DA . 7.94 8.08 -27.24
O2 SO4 DA . 6.25 6.39 -27.10
O3 SO4 DA . 5.75 8.63 -26.46
O4 SO4 DA . 6.10 8.09 -28.77
S SO4 EA . 13.08 -3.92 -32.69
O1 SO4 EA . 13.47 -4.90 -33.70
O2 SO4 EA . 14.22 -3.07 -32.37
O3 SO4 EA . 12.00 -3.10 -33.22
O4 SO4 EA . 12.63 -4.60 -31.48
S SO4 FA . 0.93 -8.60 -29.88
O1 SO4 FA . 2.16 -8.65 -30.67
O2 SO4 FA . 1.23 -8.96 -28.49
O3 SO4 FA . 0.38 -7.25 -29.92
O4 SO4 FA . -0.05 -9.55 -30.43
#